data_8Q4K
#
_entry.id   8Q4K
#
_cell.length_a   75.063
_cell.length_b   81.774
_cell.length_c   80.801
_cell.angle_alpha   90.000
_cell.angle_beta   109.381
_cell.angle_gamma   90.000
#
_symmetry.space_group_name_H-M   'P 1 21 1'
#
loop_
_entity.id
_entity.type
_entity.pdbx_description
1 polymer 'S2 lipoprotein'
2 non-polymer 'SULFATE ION'
3 water water
#
_entity_poly.entity_id   1
_entity_poly.type   'polypeptide(L)'
_entity_poly.pdbx_seq_one_letter_code
;GAMGSVHQDSNTGKPISDEKLHLISGKISNKKLPIINSNHDVTWIKTKAMTILGEDGKEIPEFKNKFGYSYIISPVKMDG
KYSYYASLLILFETTKNGDDEYEIEDVKFVTAGSTLELKNSLLAVENSQEEGYVTAYPFGILMSDEIKNAFKLTYKNGHW
NYMLADLTVKNKLTQETKIYKISLNSKLIIEFLKEVLKENSILKDIAGDLFEDI
;
_entity_poly.pdbx_strand_id   AAA,BBB,CCC,DDD
#
loop_
_chem_comp.id
_chem_comp.type
_chem_comp.name
_chem_comp.formula
SO4 non-polymer 'SULFATE ION' 'O4 S -2'
#
# COMPACT_ATOMS: atom_id res chain seq x y z
N THR A 12 25.64 -33.13 -10.72
CA THR A 12 26.73 -32.32 -10.08
C THR A 12 26.33 -30.85 -9.99
N GLY A 13 27.27 -29.97 -9.63
CA GLY A 13 26.95 -28.54 -9.44
C GLY A 13 27.03 -27.75 -10.73
N LYS A 14 26.22 -28.13 -11.72
CA LYS A 14 26.22 -27.42 -13.03
C LYS A 14 24.77 -27.18 -13.46
N PRO A 15 24.36 -25.90 -13.66
CA PRO A 15 22.97 -25.59 -14.01
C PRO A 15 22.50 -26.03 -15.41
N ILE A 16 21.25 -26.46 -15.53
CA ILE A 16 20.67 -26.93 -16.82
C ILE A 16 21.37 -26.30 -18.04
N SER A 17 21.02 -25.07 -18.43
CA SER A 17 21.58 -24.44 -19.66
C SER A 17 20.99 -25.12 -20.91
N ASP A 18 19.75 -25.61 -20.83
CA ASP A 18 19.08 -26.26 -22.00
C ASP A 18 17.63 -25.76 -22.10
N GLU A 19 17.06 -25.22 -21.03
CA GLU A 19 15.70 -24.60 -21.07
C GLU A 19 14.57 -25.64 -21.23
N LYS A 20 14.80 -26.93 -20.96
CA LYS A 20 13.73 -27.95 -20.85
C LYS A 20 13.33 -28.09 -19.38
N LEU A 21 12.13 -28.63 -19.12
CA LEU A 21 11.63 -28.92 -17.75
C LEU A 21 12.43 -30.09 -17.14
N HIS A 22 12.77 -29.97 -15.85
CA HIS A 22 13.56 -30.94 -15.06
C HIS A 22 13.25 -30.76 -13.56
N LEU A 23 12.06 -31.25 -13.12
CA LEU A 23 11.63 -31.34 -11.69
C LEU A 23 12.64 -32.16 -10.85
N ILE A 24 12.80 -31.83 -9.56
CA ILE A 24 13.44 -32.67 -8.50
C ILE A 24 12.65 -32.45 -7.21
N SER A 25 12.49 -33.47 -6.36
CA SER A 25 11.59 -33.44 -5.17
C SER A 25 12.29 -33.97 -3.91
N GLY A 26 11.73 -33.66 -2.74
CA GLY A 26 12.34 -34.04 -1.46
C GLY A 26 11.39 -33.91 -0.29
N LYS A 27 11.77 -34.54 0.82
CA LYS A 27 11.15 -34.37 2.16
C LYS A 27 12.22 -33.78 3.08
N ILE A 28 11.90 -32.67 3.77
CA ILE A 28 12.67 -32.15 4.93
C ILE A 28 12.07 -32.76 6.20
N SER A 29 12.84 -33.57 6.92
CA SER A 29 12.34 -34.33 8.10
C SER A 29 12.83 -33.65 9.39
N ASN A 30 11.88 -33.19 10.19
CA ASN A 30 12.07 -32.79 11.60
C ASN A 30 13.06 -31.62 11.63
N LYS A 31 12.75 -30.54 10.92
CA LYS A 31 13.56 -29.30 10.96
C LYS A 31 12.63 -28.10 11.17
N LYS A 32 13.21 -26.93 11.51
CA LYS A 32 12.48 -25.64 11.60
C LYS A 32 12.06 -25.18 10.20
N LEU A 33 11.03 -24.36 10.12
CA LEU A 33 10.62 -23.68 8.86
C LEU A 33 11.65 -22.57 8.60
N PRO A 34 12.06 -22.33 7.34
CA PRO A 34 13.04 -21.27 7.06
C PRO A 34 12.42 -19.87 7.20
N ILE A 35 12.11 -19.45 8.43
CA ILE A 35 11.28 -18.24 8.69
C ILE A 35 12.02 -17.35 9.68
N ILE A 36 12.19 -16.08 9.29
CA ILE A 36 12.72 -15.00 10.16
C ILE A 36 11.53 -14.43 10.93
N ASN A 37 11.60 -14.41 12.25
CA ASN A 37 10.57 -13.85 13.13
C ASN A 37 11.32 -12.89 14.05
N SER A 38 11.44 -11.63 13.63
CA SER A 38 11.98 -10.51 14.43
C SER A 38 10.79 -9.76 15.05
N ASN A 39 11.04 -8.60 15.67
CA ASN A 39 9.98 -7.75 16.29
C ASN A 39 9.15 -7.04 15.21
N HIS A 40 7.88 -6.81 15.51
CA HIS A 40 6.90 -6.15 14.61
C HIS A 40 5.89 -5.36 15.46
N ASP A 41 5.19 -4.41 14.87
CA ASP A 41 3.94 -3.83 15.42
C ASP A 41 2.80 -4.64 14.79
N VAL A 42 1.78 -4.94 15.57
CA VAL A 42 0.58 -5.69 15.10
C VAL A 42 -0.68 -5.01 15.67
N THR A 43 -1.69 -4.81 14.84
CA THR A 43 -3.03 -4.26 15.20
C THR A 43 -3.99 -5.44 15.23
N TRP A 44 -4.96 -5.44 16.13
CA TRP A 44 -5.99 -6.49 16.20
C TRP A 44 -7.34 -5.84 16.49
N ILE A 45 -8.40 -6.54 16.12
CA ILE A 45 -9.76 -6.23 16.63
C ILE A 45 -10.43 -7.58 16.92
N LYS A 46 -11.18 -7.67 18.01
CA LYS A 46 -11.84 -8.92 18.45
C LYS A 46 -13.08 -8.59 19.25
N THR A 47 -13.97 -9.54 19.41
CA THR A 47 -15.08 -9.42 20.38
C THR A 47 -14.47 -9.50 21.79
N LYS A 48 -15.01 -8.75 22.74
CA LYS A 48 -14.90 -9.07 24.17
C LYS A 48 -15.25 -10.55 24.36
N ALA A 49 -14.56 -11.20 25.29
CA ALA A 49 -14.70 -12.64 25.52
C ALA A 49 -16.12 -12.89 26.03
N MET A 50 -16.71 -14.01 25.59
CA MET A 50 -18.17 -14.30 25.68
C MET A 50 -18.33 -15.60 26.43
N THR A 51 -19.47 -15.71 27.12
CA THR A 51 -19.77 -16.84 28.03
C THR A 51 -19.74 -18.13 27.20
N ILE A 52 -19.16 -19.19 27.76
CA ILE A 52 -19.17 -20.55 27.14
C ILE A 52 -20.56 -21.15 27.35
N LEU A 53 -21.12 -21.65 26.24
CA LEU A 53 -22.48 -22.22 26.22
C LEU A 53 -22.35 -23.71 25.91
N GLY A 54 -23.23 -24.49 26.56
CA GLY A 54 -23.41 -25.92 26.27
C GLY A 54 -24.22 -26.15 25.01
N GLU A 55 -24.51 -27.41 24.77
CA GLU A 55 -25.28 -27.92 23.61
C GLU A 55 -26.67 -27.26 23.57
N ASP A 56 -27.23 -26.94 24.74
CA ASP A 56 -28.59 -26.36 24.94
C ASP A 56 -28.57 -24.82 24.87
N GLY A 57 -27.43 -24.22 24.57
CA GLY A 57 -27.35 -22.75 24.38
C GLY A 57 -27.27 -21.97 25.70
N LYS A 58 -27.00 -22.65 26.82
CA LYS A 58 -26.99 -22.06 28.19
C LYS A 58 -25.57 -22.14 28.76
N GLU A 59 -25.24 -21.30 29.74
CA GLU A 59 -23.87 -21.23 30.27
C GLU A 59 -23.52 -22.58 30.89
N ILE A 60 -22.31 -23.07 30.63
CA ILE A 60 -21.71 -24.21 31.39
C ILE A 60 -21.27 -23.66 32.74
N PRO A 61 -21.96 -24.06 33.84
CA PRO A 61 -21.70 -23.49 35.17
C PRO A 61 -20.22 -23.55 35.54
N GLU A 62 -19.55 -24.64 35.20
CA GLU A 62 -18.13 -24.90 35.59
C GLU A 62 -17.24 -23.78 35.05
N PHE A 63 -17.54 -23.22 33.86
CA PHE A 63 -16.62 -22.27 33.18
C PHE A 63 -17.03 -20.82 33.47
N LYS A 64 -18.12 -20.62 34.19
CA LYS A 64 -18.63 -19.27 34.55
C LYS A 64 -17.48 -18.49 35.21
N ASN A 65 -17.09 -17.38 34.59
CA ASN A 65 -15.98 -16.47 34.99
C ASN A 65 -14.65 -17.21 35.08
N LYS A 66 -14.48 -18.36 34.41
CA LYS A 66 -13.20 -19.11 34.34
C LYS A 66 -12.52 -18.82 33.00
N PHE A 67 -13.27 -18.92 31.90
CA PHE A 67 -12.80 -18.49 30.57
C PHE A 67 -13.99 -18.17 29.67
N GLY A 68 -13.75 -17.38 28.63
CA GLY A 68 -14.75 -17.11 27.58
C GLY A 68 -14.18 -17.39 26.21
N TYR A 69 -14.92 -17.01 25.19
CA TYR A 69 -14.49 -17.20 23.79
C TYR A 69 -14.76 -15.91 23.01
N SER A 70 -13.95 -15.70 21.98
CA SER A 70 -13.97 -14.43 21.22
C SER A 70 -13.64 -14.72 19.76
N TYR A 71 -13.98 -13.82 18.83
CA TYR A 71 -13.56 -13.83 17.40
C TYR A 71 -12.57 -12.70 17.21
N ILE A 72 -11.47 -12.93 16.50
CA ILE A 72 -10.38 -11.91 16.29
C ILE A 72 -9.98 -11.89 14.81
N ILE A 73 -9.71 -10.70 14.26
CA ILE A 73 -8.92 -10.52 13.00
C ILE A 73 -7.55 -10.03 13.43
N SER A 74 -6.51 -10.75 13.06
CA SER A 74 -5.09 -10.34 13.29
C SER A 74 -4.18 -10.99 12.24
N PRO A 75 -3.07 -10.33 11.82
CA PRO A 75 -2.82 -8.92 12.07
C PRO A 75 -3.61 -8.03 11.10
N VAL A 76 -4.22 -6.97 11.60
CA VAL A 76 -4.98 -5.98 10.77
C VAL A 76 -3.96 -5.07 10.09
N LYS A 77 -3.06 -4.48 10.87
CA LYS A 77 -1.81 -3.80 10.38
C LYS A 77 -0.60 -4.55 10.94
N MET A 78 0.45 -4.68 10.14
CA MET A 78 1.77 -5.16 10.63
C MET A 78 2.75 -4.04 10.34
N ASP A 79 3.52 -3.58 11.33
CA ASP A 79 4.50 -2.47 11.16
C ASP A 79 3.79 -1.28 10.47
N GLY A 80 2.55 -1.00 10.86
CA GLY A 80 1.88 0.26 10.49
C GLY A 80 1.25 0.23 9.11
N LYS A 81 1.16 -0.93 8.47
CA LYS A 81 0.57 -1.07 7.10
C LYS A 81 -0.45 -2.21 7.07
N TYR A 82 -1.64 -1.94 6.51
CA TYR A 82 -2.67 -2.99 6.29
C TYR A 82 -1.97 -4.23 5.73
N SER A 83 -2.27 -5.40 6.33
CA SER A 83 -1.55 -6.65 5.99
C SER A 83 -2.43 -7.69 5.31
N TYR A 84 -1.86 -8.42 4.36
CA TYR A 84 -2.57 -9.51 3.65
C TYR A 84 -2.54 -10.79 4.49
N TYR A 85 -1.93 -10.75 5.67
CA TYR A 85 -1.90 -11.92 6.59
C TYR A 85 -3.14 -11.90 7.50
N ALA A 86 -3.96 -10.86 7.38
CA ALA A 86 -5.18 -10.73 8.21
C ALA A 86 -5.95 -12.04 8.22
N SER A 87 -6.13 -12.60 9.39
CA SER A 87 -6.79 -13.92 9.54
C SER A 87 -7.90 -13.85 10.61
N LEU A 88 -8.97 -14.63 10.42
CA LEU A 88 -10.07 -14.85 11.37
C LEU A 88 -9.70 -16.01 12.30
N LEU A 89 -9.56 -15.80 13.59
CA LEU A 89 -9.27 -16.85 14.60
C LEU A 89 -10.37 -16.83 15.64
N ILE A 90 -10.54 -17.98 16.29
CA ILE A 90 -11.36 -18.12 17.51
C ILE A 90 -10.34 -18.19 18.64
N LEU A 91 -10.48 -17.39 19.69
CA LEU A 91 -9.66 -17.48 20.92
C LEU A 91 -10.53 -18.06 22.05
N PHE A 92 -9.92 -18.86 22.92
CA PHE A 92 -10.47 -19.09 24.26
C PHE A 92 -9.54 -18.42 25.27
N GLU A 93 -10.08 -17.47 26.04
CA GLU A 93 -9.27 -16.59 26.90
C GLU A 93 -9.65 -16.85 28.36
N THR A 94 -8.66 -17.11 29.20
CA THR A 94 -8.85 -17.43 30.62
C THR A 94 -8.94 -16.13 31.41
N THR A 95 -9.76 -16.08 32.46
CA THR A 95 -9.84 -14.96 33.41
C THR A 95 -8.69 -15.12 34.41
N LYS A 96 -8.40 -14.09 35.19
CA LYS A 96 -7.38 -14.17 36.27
C LYS A 96 -7.78 -15.36 37.17
N ASN A 97 -9.05 -15.46 37.54
CA ASN A 97 -9.57 -16.48 38.50
C ASN A 97 -9.58 -17.86 37.87
N GLY A 98 -9.70 -17.99 36.53
CA GLY A 98 -9.77 -19.30 35.84
C GLY A 98 -8.44 -19.83 35.32
N ASP A 99 -7.39 -19.00 35.23
CA ASP A 99 -6.21 -19.31 34.39
C ASP A 99 -5.38 -20.47 34.94
N ASP A 100 -5.27 -20.57 36.28
CA ASP A 100 -4.41 -21.57 36.97
C ASP A 100 -5.01 -22.97 36.76
N GLU A 101 -6.33 -23.07 36.59
CA GLU A 101 -7.01 -24.37 36.50
C GLU A 101 -7.14 -24.83 35.04
N TYR A 102 -7.45 -23.93 34.10
CA TYR A 102 -7.99 -24.31 32.76
C TYR A 102 -7.03 -23.91 31.65
N GLU A 103 -6.75 -24.87 30.76
CA GLU A 103 -5.92 -24.75 29.54
C GLU A 103 -6.74 -25.33 28.40
N ILE A 104 -7.03 -24.56 27.36
CA ILE A 104 -7.87 -25.07 26.23
C ILE A 104 -6.95 -25.64 25.14
N GLU A 105 -7.16 -26.90 24.81
CA GLU A 105 -6.26 -27.75 24.00
C GLU A 105 -6.71 -27.81 22.54
N ASP A 106 -8.01 -27.83 22.28
CA ASP A 106 -8.49 -28.06 20.90
C ASP A 106 -9.95 -27.63 20.79
N VAL A 107 -10.40 -27.41 19.55
CA VAL A 107 -11.84 -27.23 19.25
C VAL A 107 -12.13 -27.85 17.89
N LYS A 108 -13.20 -28.62 17.80
CA LYS A 108 -13.64 -29.26 16.53
C LYS A 108 -15.10 -28.87 16.32
N PHE A 109 -15.39 -28.39 15.12
CA PHE A 109 -16.77 -28.09 14.70
C PHE A 109 -17.46 -29.43 14.60
N VAL A 110 -18.75 -29.46 14.90
CA VAL A 110 -19.61 -30.67 14.71
C VAL A 110 -20.67 -30.32 13.65
N THR A 111 -21.40 -29.21 13.80
CA THR A 111 -22.55 -28.89 12.90
C THR A 111 -22.11 -28.75 11.44
N ALA A 112 -21.06 -27.98 11.16
CA ALA A 112 -20.48 -27.92 9.80
C ALA A 112 -18.98 -27.67 9.90
N GLY A 113 -18.20 -28.02 8.86
CA GLY A 113 -16.74 -27.86 8.83
C GLY A 113 -16.03 -28.81 9.80
N SER A 114 -16.61 -30.00 10.03
CA SER A 114 -16.13 -31.01 11.02
C SER A 114 -14.77 -31.56 10.60
N THR A 115 -14.38 -31.44 9.34
CA THR A 115 -13.09 -31.99 8.83
C THR A 115 -11.99 -30.94 8.94
N LEU A 116 -12.28 -29.70 9.34
CA LEU A 116 -11.24 -28.63 9.43
C LEU A 116 -10.39 -28.88 10.67
N GLU A 117 -9.06 -28.92 10.54
CA GLU A 117 -8.11 -28.97 11.69
C GLU A 117 -7.93 -27.54 12.19
N LEU A 118 -8.46 -27.22 13.36
CA LEU A 118 -8.40 -25.83 13.90
C LEU A 118 -7.20 -25.69 14.85
N LYS A 119 -6.71 -26.78 15.43
CA LYS A 119 -5.43 -26.73 16.19
C LYS A 119 -4.29 -26.47 15.19
N ASN A 120 -3.80 -25.24 15.18
CA ASN A 120 -2.79 -24.77 14.21
C ASN A 120 -1.39 -24.87 14.81
N SER A 121 -0.54 -25.72 14.23
CA SER A 121 0.84 -26.04 14.68
C SER A 121 1.76 -24.83 14.56
N LEU A 122 1.36 -23.77 13.83
CA LEU A 122 2.17 -22.52 13.72
C LEU A 122 1.86 -21.54 14.86
N LEU A 123 0.63 -21.55 15.42
CA LEU A 123 0.16 -20.51 16.38
C LEU A 123 0.66 -20.82 17.80
N ALA A 124 1.37 -19.87 18.41
CA ALA A 124 1.81 -19.95 19.82
C ALA A 124 0.66 -19.56 20.75
N VAL A 125 0.65 -20.08 21.98
CA VAL A 125 -0.25 -19.60 23.04
C VAL A 125 0.11 -18.12 23.25
N GLU A 126 -0.88 -17.26 23.45
CA GLU A 126 -0.71 -15.79 23.45
C GLU A 126 -1.15 -15.30 24.84
N ASN A 127 -0.58 -14.19 25.32
CA ASN A 127 -1.19 -13.42 26.43
C ASN A 127 -2.49 -12.80 25.91
N SER A 128 -3.56 -12.76 26.71
CA SER A 128 -4.83 -12.08 26.31
C SER A 128 -4.59 -10.56 26.25
N GLN A 129 -5.16 -9.87 25.26
CA GLN A 129 -5.03 -8.38 25.18
C GLN A 129 -6.23 -7.70 25.87
N GLU A 130 -7.11 -8.48 26.51
CA GLU A 130 -8.34 -7.95 27.15
C GLU A 130 -8.08 -7.87 28.66
N GLU A 131 -8.51 -6.78 29.28
CA GLU A 131 -8.31 -6.51 30.73
C GLU A 131 -9.00 -7.63 31.51
N GLY A 132 -8.30 -8.25 32.45
CA GLY A 132 -8.89 -9.27 33.32
C GLY A 132 -8.74 -10.67 32.76
N TYR A 133 -8.12 -10.81 31.60
CA TYR A 133 -7.89 -12.12 30.95
C TYR A 133 -6.37 -12.36 30.91
N VAL A 134 -5.95 -13.61 30.90
CA VAL A 134 -4.49 -13.91 31.05
C VAL A 134 -3.97 -14.62 29.80
N THR A 135 -4.52 -15.80 29.49
CA THR A 135 -4.04 -16.65 28.37
C THR A 135 -5.15 -16.71 27.32
N ALA A 136 -4.73 -16.56 26.06
CA ALA A 136 -5.55 -16.72 24.84
C ALA A 136 -5.06 -17.96 24.10
N TYR A 137 -5.91 -18.96 23.93
CA TYR A 137 -5.60 -20.17 23.14
C TYR A 137 -6.23 -19.96 21.77
N PRO A 138 -5.42 -19.66 20.73
CA PRO A 138 -5.93 -19.47 19.37
C PRO A 138 -6.23 -20.77 18.61
N PHE A 139 -7.19 -20.69 17.69
CA PHE A 139 -7.60 -21.78 16.78
C PHE A 139 -8.08 -21.17 15.45
N GLY A 140 -7.84 -21.89 14.36
CA GLY A 140 -8.28 -21.49 13.01
C GLY A 140 -7.18 -21.62 11.98
N ILE A 141 -7.45 -21.08 10.81
CA ILE A 141 -6.62 -21.27 9.59
C ILE A 141 -6.25 -19.88 9.08
N LEU A 142 -4.95 -19.65 8.89
CA LEU A 142 -4.44 -18.31 8.45
C LEU A 142 -4.87 -18.07 7.00
N MET A 143 -5.29 -16.84 6.69
CA MET A 143 -5.56 -16.40 5.31
C MET A 143 -6.55 -17.37 4.64
N SER A 144 -7.60 -17.77 5.35
CA SER A 144 -8.62 -18.73 4.85
C SER A 144 -10.03 -18.18 5.08
N ASP A 145 -10.97 -18.54 4.21
CA ASP A 145 -12.40 -18.22 4.42
C ASP A 145 -13.11 -19.39 5.11
N GLU A 146 -12.37 -20.42 5.54
CA GLU A 146 -12.95 -21.75 5.87
C GLU A 146 -13.78 -21.71 7.14
N ILE A 147 -13.33 -21.04 8.19
CA ILE A 147 -14.13 -20.88 9.45
C ILE A 147 -15.42 -20.14 9.10
N LYS A 148 -15.35 -19.06 8.32
CA LYS A 148 -16.53 -18.27 7.92
C LYS A 148 -17.49 -19.18 7.13
N ASN A 149 -16.98 -19.94 6.15
CA ASN A 149 -17.83 -20.83 5.31
C ASN A 149 -18.52 -21.86 6.22
N ALA A 150 -17.78 -22.38 7.21
CA ALA A 150 -18.32 -23.40 8.12
C ALA A 150 -19.52 -22.80 8.87
N PHE A 151 -19.38 -21.59 9.39
CA PHE A 151 -20.43 -20.90 10.17
C PHE A 151 -21.60 -20.52 9.26
N LYS A 152 -21.33 -20.05 8.05
CA LYS A 152 -22.40 -19.76 7.07
C LYS A 152 -23.32 -20.98 6.90
N LEU A 153 -22.78 -22.21 7.01
CA LEU A 153 -23.55 -23.44 6.71
C LEU A 153 -24.59 -23.69 7.81
N THR A 154 -24.53 -22.91 8.90
CA THR A 154 -25.47 -23.04 10.04
C THR A 154 -26.72 -22.19 9.81
N TYR A 155 -26.72 -21.25 8.84
CA TYR A 155 -27.96 -20.51 8.46
C TYR A 155 -28.83 -21.41 7.59
N LYS A 156 -30.07 -21.66 8.02
CA LYS A 156 -31.07 -22.53 7.33
C LYS A 156 -32.48 -21.97 7.58
N ASN A 157 -33.36 -22.01 6.57
CA ASN A 157 -34.80 -21.66 6.72
C ASN A 157 -34.93 -20.23 7.27
N GLY A 158 -34.11 -19.31 6.77
CA GLY A 158 -34.11 -17.88 7.18
C GLY A 158 -33.54 -17.65 8.56
N HIS A 159 -32.92 -18.64 9.23
CA HIS A 159 -32.47 -18.48 10.65
C HIS A 159 -31.05 -19.01 10.91
N TRP A 160 -30.35 -18.33 11.83
CA TRP A 160 -29.04 -18.69 12.41
C TRP A 160 -29.25 -19.73 13.52
N ASN A 161 -28.57 -20.87 13.41
CA ASN A 161 -28.41 -21.85 14.51
C ASN A 161 -26.97 -21.77 15.01
N TYR A 162 -26.79 -22.24 16.23
CA TYR A 162 -25.47 -22.35 16.88
C TYR A 162 -24.62 -23.29 16.05
N MET A 163 -23.32 -23.01 16.03
CA MET A 163 -22.29 -24.02 15.69
C MET A 163 -22.09 -24.86 16.95
N LEU A 164 -22.52 -26.13 16.94
CA LEU A 164 -22.13 -27.12 17.97
C LEU A 164 -20.67 -27.42 17.72
N ALA A 165 -19.88 -27.61 18.76
CA ALA A 165 -18.43 -27.89 18.64
C ALA A 165 -18.01 -28.72 19.87
N ASP A 166 -16.98 -29.53 19.71
CA ASP A 166 -16.32 -30.25 20.83
C ASP A 166 -15.10 -29.44 21.33
N LEU A 167 -15.08 -29.12 22.61
CA LEU A 167 -14.01 -28.26 23.18
C LEU A 167 -13.18 -29.12 24.11
N THR A 168 -11.88 -29.29 23.81
CA THR A 168 -10.95 -30.12 24.62
C THR A 168 -10.29 -29.20 25.65
N VAL A 169 -10.60 -29.44 26.92
CA VAL A 169 -10.17 -28.58 28.07
C VAL A 169 -9.37 -29.44 29.06
N LYS A 170 -8.15 -29.02 29.36
CA LYS A 170 -7.34 -29.68 30.40
C LYS A 170 -7.53 -28.95 31.73
N ASN A 171 -7.88 -29.68 32.75
CA ASN A 171 -7.85 -29.21 34.14
C ASN A 171 -6.41 -29.44 34.63
N LYS A 172 -5.61 -28.37 34.77
CA LYS A 172 -4.21 -28.41 35.25
C LYS A 172 -4.14 -28.76 36.76
N LEU A 173 -5.20 -28.54 37.55
CA LEU A 173 -5.17 -28.88 39.00
C LEU A 173 -5.32 -30.39 39.15
N THR A 174 -6.18 -31.01 38.35
CA THR A 174 -6.51 -32.45 38.43
C THR A 174 -5.73 -33.22 37.38
N GLN A 175 -5.06 -32.50 36.46
CA GLN A 175 -4.25 -33.10 35.35
C GLN A 175 -5.11 -34.12 34.58
N GLU A 176 -6.40 -33.82 34.34
CA GLU A 176 -7.32 -34.66 33.53
C GLU A 176 -7.79 -33.78 32.38
N THR A 177 -7.95 -34.35 31.20
CA THR A 177 -8.42 -33.62 30.00
C THR A 177 -9.81 -34.18 29.65
N LYS A 178 -10.76 -33.33 29.30
CA LYS A 178 -12.12 -33.75 28.88
C LYS A 178 -12.61 -32.92 27.69
N ILE A 179 -13.63 -33.43 27.01
CA ILE A 179 -14.24 -32.83 25.83
C ILE A 179 -15.64 -32.43 26.20
N TYR A 180 -15.99 -31.17 25.96
CA TYR A 180 -17.28 -30.53 26.29
C TYR A 180 -17.96 -30.12 24.99
N LYS A 181 -19.25 -30.45 24.86
CA LYS A 181 -20.11 -29.98 23.75
C LYS A 181 -20.39 -28.50 24.04
N ILE A 182 -20.05 -27.64 23.09
CA ILE A 182 -20.34 -26.18 23.24
C ILE A 182 -21.12 -25.72 22.03
N SER A 183 -21.71 -24.54 22.17
CA SER A 183 -22.39 -23.77 21.10
C SER A 183 -21.59 -22.50 20.91
N LEU A 184 -21.05 -22.27 19.71
CA LEU A 184 -20.50 -20.94 19.28
C LEU A 184 -21.56 -20.16 18.47
N ASN A 185 -21.74 -18.87 18.77
CA ASN A 185 -22.72 -17.99 18.08
C ASN A 185 -22.23 -17.68 16.67
N SER A 186 -22.98 -18.18 15.67
CA SER A 186 -22.75 -18.04 14.20
C SER A 186 -23.11 -16.64 13.72
N LYS A 187 -24.26 -16.11 14.13
CA LYS A 187 -24.75 -14.77 13.72
C LYS A 187 -23.66 -13.72 14.01
N LEU A 188 -23.00 -13.83 15.17
CA LEU A 188 -22.02 -12.84 15.68
C LEU A 188 -20.74 -12.83 14.84
N ILE A 189 -20.30 -13.94 14.28
CA ILE A 189 -19.10 -13.98 13.40
C ILE A 189 -19.42 -13.25 12.07
N ILE A 190 -20.69 -13.24 11.62
CA ILE A 190 -21.06 -12.45 10.41
C ILE A 190 -21.12 -10.96 10.76
N GLU A 191 -21.79 -10.62 11.86
CA GLU A 191 -21.88 -9.22 12.34
C GLU A 191 -20.49 -8.65 12.57
N PHE A 192 -19.59 -9.49 13.09
CA PHE A 192 -18.21 -9.14 13.46
C PHE A 192 -17.43 -8.84 12.18
N LEU A 193 -17.56 -9.69 11.16
CA LEU A 193 -16.87 -9.46 9.86
C LEU A 193 -17.45 -8.21 9.19
N LYS A 194 -18.76 -7.98 9.28
CA LYS A 194 -19.41 -6.74 8.76
C LYS A 194 -18.76 -5.50 9.40
N GLU A 195 -18.71 -5.42 10.75
CA GLU A 195 -18.15 -4.22 11.43
C GLU A 195 -16.66 -4.07 11.08
N VAL A 196 -15.90 -5.16 11.02
CA VAL A 196 -14.43 -4.98 10.81
C VAL A 196 -14.25 -4.36 9.43
N LEU A 197 -14.95 -4.84 8.41
CA LEU A 197 -14.84 -4.32 7.02
C LEU A 197 -15.31 -2.85 6.95
N LYS A 198 -16.47 -2.54 7.52
CA LYS A 198 -16.99 -1.15 7.56
C LYS A 198 -15.90 -0.19 8.02
N GLU A 199 -15.12 -0.59 9.02
CA GLU A 199 -14.08 0.29 9.59
C GLU A 199 -12.75 0.12 8.86
N ASN A 200 -12.63 -0.92 8.03
CA ASN A 200 -11.34 -1.21 7.34
C ASN A 200 -11.64 -1.84 5.97
N SER A 201 -12.38 -1.11 5.11
CA SER A 201 -12.82 -1.47 3.74
C SER A 201 -11.67 -2.07 2.91
N ILE A 202 -10.44 -1.63 3.13
CA ILE A 202 -9.26 -2.14 2.38
C ILE A 202 -9.04 -3.63 2.68
N LEU A 203 -9.64 -4.18 3.75
CA LEU A 203 -9.50 -5.64 4.04
C LEU A 203 -10.18 -6.42 2.92
N LYS A 204 -11.20 -5.83 2.25
CA LYS A 204 -11.86 -6.47 1.09
C LYS A 204 -10.81 -6.84 0.04
N ASP A 205 -9.84 -5.94 -0.17
CA ASP A 205 -8.82 -6.01 -1.25
C ASP A 205 -7.67 -6.97 -0.90
N ILE A 206 -7.14 -6.97 0.34
CA ILE A 206 -5.87 -7.72 0.60
C ILE A 206 -6.07 -8.97 1.47
N ALA A 207 -7.21 -9.15 2.15
CA ALA A 207 -7.42 -10.34 3.03
C ALA A 207 -8.10 -11.45 2.26
N GLY A 208 -7.64 -11.72 1.02
CA GLY A 208 -8.10 -12.84 0.19
C GLY A 208 -9.62 -12.88 0.11
N ASP A 209 -10.21 -14.06 0.36
CA ASP A 209 -11.66 -14.41 0.18
C ASP A 209 -12.46 -14.21 1.45
N LEU A 210 -11.80 -13.86 2.56
CA LEU A 210 -12.47 -13.79 3.87
C LEU A 210 -13.66 -12.82 3.72
N PHE A 211 -13.46 -11.74 2.98
CA PHE A 211 -14.41 -10.60 2.93
C PHE A 211 -15.14 -10.54 1.58
N GLU A 212 -14.86 -11.44 0.64
CA GLU A 212 -15.47 -11.43 -0.74
C GLU A 212 -16.99 -11.17 -0.64
N ASP A 213 -17.57 -11.90 0.29
CA ASP A 213 -18.98 -12.14 0.67
C ASP A 213 -19.50 -11.02 1.60
N ILE A 214 -18.54 -10.39 2.30
CA ILE A 214 -18.62 -9.34 3.35
C ILE A 214 -18.16 -9.92 4.71
N SER B 10 -6.16 -6.21 35.17
CA SER B 10 -6.83 -5.76 36.43
C SER B 10 -7.57 -6.94 37.10
N ASN B 11 -8.71 -6.64 37.74
CA ASN B 11 -9.63 -7.64 38.34
C ASN B 11 -10.02 -8.68 37.28
N THR B 12 -10.21 -9.93 37.71
CA THR B 12 -10.56 -11.06 36.83
C THR B 12 -11.65 -10.60 35.89
N GLY B 13 -11.56 -10.95 34.61
CA GLY B 13 -12.59 -10.58 33.61
C GLY B 13 -13.89 -11.36 33.79
N LYS B 14 -14.97 -10.85 33.22
CA LYS B 14 -16.31 -11.46 33.38
C LYS B 14 -16.90 -11.62 31.99
N PRO B 15 -16.83 -12.81 31.37
CA PRO B 15 -17.32 -12.96 29.99
C PRO B 15 -18.75 -12.42 29.83
N ILE B 16 -19.03 -11.79 28.68
CA ILE B 16 -20.36 -11.20 28.37
C ILE B 16 -21.30 -12.26 27.81
N SER B 17 -22.58 -12.24 28.21
CA SER B 17 -23.55 -13.30 27.83
C SER B 17 -24.72 -12.77 27.00
N ASP B 18 -24.67 -11.54 26.50
CA ASP B 18 -25.85 -10.95 25.80
C ASP B 18 -25.96 -11.37 24.32
N GLU B 19 -24.88 -11.88 23.72
CA GLU B 19 -24.90 -12.34 22.31
C GLU B 19 -25.02 -11.13 21.36
N LYS B 20 -24.71 -9.93 21.85
CA LYS B 20 -24.57 -8.70 21.03
C LYS B 20 -23.09 -8.49 20.69
N LEU B 21 -22.82 -7.65 19.70
CA LEU B 21 -21.48 -7.43 19.14
C LEU B 21 -20.81 -6.37 19.99
N HIS B 22 -19.70 -6.67 20.67
CA HIS B 22 -18.92 -5.69 21.46
C HIS B 22 -17.48 -5.78 21.02
N LEU B 23 -16.98 -4.84 20.23
CA LEU B 23 -15.59 -4.87 19.69
C LEU B 23 -14.63 -4.12 20.59
N ILE B 24 -13.40 -4.64 20.70
CA ILE B 24 -12.22 -3.92 21.28
C ILE B 24 -11.03 -4.12 20.34
N SER B 25 -10.12 -3.16 20.37
CA SER B 25 -8.97 -3.09 19.45
C SER B 25 -7.75 -2.66 20.23
N GLY B 26 -6.60 -2.82 19.62
CA GLY B 26 -5.32 -2.68 20.31
C GLY B 26 -4.17 -2.89 19.37
N LYS B 27 -2.97 -2.59 19.87
CA LYS B 27 -1.67 -2.68 19.17
C LYS B 27 -0.69 -3.40 20.12
N ILE B 28 0.04 -4.38 19.58
CA ILE B 28 1.13 -5.15 20.23
C ILE B 28 2.42 -4.59 19.62
N SER B 29 3.11 -3.73 20.39
CA SER B 29 4.27 -2.90 19.94
C SER B 29 5.54 -3.72 20.12
N ASN B 30 6.33 -3.87 19.06
CA ASN B 30 7.74 -4.35 19.17
C ASN B 30 7.77 -5.72 19.86
N LYS B 31 7.26 -6.75 19.17
CA LYS B 31 7.20 -8.14 19.68
C LYS B 31 7.16 -9.10 18.48
N LYS B 32 7.83 -10.25 18.60
CA LYS B 32 7.79 -11.36 17.62
C LYS B 32 6.32 -11.66 17.28
N LEU B 33 6.04 -12.15 16.07
CA LEU B 33 4.68 -12.63 15.73
C LEU B 33 4.44 -13.86 16.60
N PRO B 34 3.17 -14.11 17.00
CA PRO B 34 2.83 -15.21 17.91
C PRO B 34 2.91 -16.58 17.20
N ILE B 35 4.11 -16.91 16.68
CA ILE B 35 4.46 -18.10 15.86
C ILE B 35 5.37 -19.00 16.70
N ILE B 36 5.04 -20.29 16.77
CA ILE B 36 5.82 -21.34 17.49
C ILE B 36 6.88 -21.91 16.52
N ASN B 37 8.11 -22.10 16.99
CA ASN B 37 9.27 -22.38 16.12
C ASN B 37 9.64 -23.86 16.25
N SER B 38 8.64 -24.73 16.13
CA SER B 38 8.76 -26.19 16.38
C SER B 38 9.19 -26.92 15.11
N ASN B 39 9.55 -28.20 15.24
CA ASN B 39 9.96 -29.03 14.07
C ASN B 39 8.72 -29.45 13.28
N HIS B 40 8.88 -29.47 11.94
CA HIS B 40 7.89 -29.96 10.97
C HIS B 40 8.60 -30.88 9.97
N ASP B 41 7.86 -31.83 9.41
CA ASP B 41 8.19 -32.47 8.12
C ASP B 41 7.51 -31.61 7.06
N VAL B 42 8.25 -31.14 6.04
CA VAL B 42 7.68 -30.39 4.89
C VAL B 42 8.15 -31.08 3.62
N THR B 43 7.23 -31.28 2.67
CA THR B 43 7.56 -31.75 1.31
C THR B 43 7.65 -30.54 0.39
N TRP B 44 8.35 -30.70 -0.74
CA TRP B 44 8.56 -29.67 -1.79
C TRP B 44 8.81 -30.34 -3.15
N ILE B 45 8.19 -29.81 -4.21
CA ILE B 45 8.55 -30.13 -5.63
C ILE B 45 9.10 -28.84 -6.24
N LYS B 46 9.99 -28.94 -7.22
CA LYS B 46 10.91 -27.85 -7.59
C LYS B 46 11.61 -28.22 -8.90
N THR B 47 12.17 -27.24 -9.62
CA THR B 47 12.94 -27.45 -10.86
C THR B 47 14.42 -27.35 -10.48
N LYS B 48 15.30 -27.72 -11.40
CA LYS B 48 16.76 -27.75 -11.14
C LYS B 48 17.30 -26.39 -11.55
N ALA B 49 18.40 -25.97 -10.94
CA ALA B 49 19.12 -24.73 -11.28
C ALA B 49 19.34 -24.70 -12.80
N MET B 50 18.86 -23.65 -13.46
CA MET B 50 19.10 -23.44 -14.90
C MET B 50 20.04 -22.24 -15.02
N THR B 51 20.83 -22.13 -16.08
CA THR B 51 21.88 -21.08 -16.18
C THR B 51 21.34 -19.66 -15.99
N ILE B 52 22.24 -18.72 -15.65
CA ILE B 52 21.84 -17.28 -15.50
C ILE B 52 21.95 -16.62 -16.87
N LEU B 53 20.84 -16.10 -17.37
CA LEU B 53 20.75 -15.51 -18.72
C LEU B 53 20.58 -13.99 -18.61
N GLY B 54 21.20 -13.22 -19.50
CA GLY B 54 20.95 -11.78 -19.69
C GLY B 54 19.62 -11.46 -20.41
N GLU B 55 19.48 -10.21 -20.87
CA GLU B 55 18.30 -9.66 -21.60
C GLU B 55 18.18 -10.29 -22.98
N ASP B 56 19.34 -10.43 -23.66
CA ASP B 56 19.52 -11.08 -25.00
C ASP B 56 19.03 -12.55 -24.98
N GLY B 57 18.93 -13.17 -23.80
CA GLY B 57 18.51 -14.57 -23.64
C GLY B 57 19.69 -15.52 -23.59
N LYS B 58 20.89 -14.99 -23.27
CA LYS B 58 22.19 -15.74 -23.30
C LYS B 58 22.94 -15.57 -21.97
N GLU B 59 23.92 -16.45 -21.75
CA GLU B 59 24.59 -16.68 -20.44
C GLU B 59 25.46 -15.49 -20.04
N ILE B 60 25.25 -14.98 -18.83
CA ILE B 60 26.19 -13.97 -18.27
C ILE B 60 27.48 -14.74 -17.99
N PRO B 61 28.61 -14.40 -18.66
CA PRO B 61 29.84 -15.18 -18.54
C PRO B 61 30.47 -15.12 -17.13
N GLU B 62 29.94 -14.26 -16.26
CA GLU B 62 30.38 -14.11 -14.85
C GLU B 62 29.63 -15.14 -13.98
N PHE B 63 28.35 -15.36 -14.27
CA PHE B 63 27.45 -16.32 -13.57
C PHE B 63 27.33 -17.61 -14.40
N LYS B 64 28.48 -18.18 -14.78
CA LYS B 64 28.61 -19.49 -15.46
C LYS B 64 28.87 -20.55 -14.39
N ASN B 65 27.93 -21.48 -14.20
CA ASN B 65 27.96 -22.47 -13.09
C ASN B 65 28.59 -21.79 -11.87
N LYS B 66 28.15 -20.57 -11.56
CA LYS B 66 28.49 -19.83 -10.32
C LYS B 66 27.26 -19.89 -9.41
N PHE B 67 26.07 -19.77 -10.00
CA PHE B 67 24.75 -19.99 -9.36
C PHE B 67 23.70 -20.02 -10.47
N GLY B 68 22.53 -20.60 -10.19
CA GLY B 68 21.47 -20.79 -11.19
C GLY B 68 20.21 -20.10 -10.71
N TYR B 69 19.04 -20.63 -11.06
CA TYR B 69 17.74 -20.12 -10.58
C TYR B 69 16.73 -21.24 -10.75
N SER B 70 15.65 -21.27 -9.96
CA SER B 70 14.61 -22.33 -10.00
C SER B 70 13.31 -21.81 -9.43
N TYR B 71 12.22 -22.57 -9.60
CA TYR B 71 10.86 -22.29 -9.10
C TYR B 71 10.51 -23.41 -8.14
N ILE B 72 9.72 -23.14 -7.09
CA ILE B 72 9.50 -24.13 -5.99
C ILE B 72 8.14 -23.89 -5.35
N ILE B 73 7.45 -24.99 -5.07
CA ILE B 73 6.20 -25.06 -4.26
C ILE B 73 6.58 -25.71 -2.93
N SER B 74 6.43 -24.97 -1.84
CA SER B 74 6.72 -25.44 -0.46
C SER B 74 5.83 -24.67 0.50
N PRO B 75 5.23 -25.31 1.53
CA PRO B 75 5.15 -26.77 1.61
C PRO B 75 4.02 -27.39 0.78
N VAL B 76 4.33 -28.45 0.05
CA VAL B 76 3.30 -29.31 -0.61
C VAL B 76 2.50 -29.99 0.49
N LYS B 77 3.18 -30.75 1.37
CA LYS B 77 2.63 -31.32 2.62
C LYS B 77 3.36 -30.76 3.84
N MET B 78 2.72 -30.77 5.01
CA MET B 78 3.34 -30.34 6.29
C MET B 78 2.84 -31.27 7.40
N ASP B 79 3.76 -32.01 8.01
CA ASP B 79 3.44 -33.04 9.03
C ASP B 79 2.42 -34.02 8.44
N GLY B 80 2.64 -34.37 7.17
CA GLY B 80 1.92 -35.46 6.46
C GLY B 80 0.45 -35.16 6.23
N LYS B 81 0.13 -33.89 5.98
CA LYS B 81 -1.22 -33.43 5.57
C LYS B 81 -1.01 -32.24 4.64
N TYR B 82 -1.61 -32.28 3.45
CA TYR B 82 -1.62 -31.18 2.45
C TYR B 82 -1.90 -29.86 3.18
N SER B 83 -1.03 -28.85 3.01
CA SER B 83 -1.03 -27.63 3.86
C SER B 83 -1.77 -26.47 3.17
N TYR B 84 -2.62 -25.80 3.95
CA TYR B 84 -3.29 -24.49 3.69
C TYR B 84 -2.26 -23.39 3.36
N TYR B 85 -1.01 -23.55 3.83
CA TYR B 85 0.08 -22.54 3.78
C TYR B 85 0.98 -22.83 2.57
N ALA B 86 0.51 -23.61 1.60
CA ALA B 86 1.27 -23.99 0.38
C ALA B 86 1.50 -22.74 -0.48
N SER B 87 2.73 -22.49 -0.92
CA SER B 87 3.19 -21.22 -1.54
C SER B 87 4.15 -21.52 -2.68
N LEU B 88 4.62 -20.50 -3.41
CA LEU B 88 5.41 -20.55 -4.68
C LEU B 88 6.48 -19.46 -4.68
N LEU B 89 7.74 -19.77 -4.99
CA LEU B 89 8.90 -18.85 -4.76
C LEU B 89 9.93 -19.03 -5.88
N ILE B 90 10.84 -18.06 -6.05
CA ILE B 90 11.98 -18.11 -7.01
C ILE B 90 13.26 -18.17 -6.18
N LEU B 91 14.03 -19.25 -6.33
CA LEU B 91 15.33 -19.42 -5.65
C LEU B 91 16.43 -19.00 -6.63
N PHE B 92 17.56 -18.51 -6.09
CA PHE B 92 18.88 -18.41 -6.77
C PHE B 92 19.91 -19.20 -5.96
N GLU B 93 20.42 -20.32 -6.53
CA GLU B 93 21.14 -21.42 -5.82
C GLU B 93 22.62 -21.41 -6.24
N THR B 94 23.52 -21.28 -5.27
CA THR B 94 24.99 -21.22 -5.50
C THR B 94 25.55 -22.63 -5.74
N THR B 95 26.78 -22.70 -6.28
CA THR B 95 27.58 -23.94 -6.48
C THR B 95 28.79 -23.86 -5.57
N LYS B 96 29.65 -24.89 -5.58
CA LYS B 96 30.90 -24.99 -4.77
C LYS B 96 31.73 -23.69 -4.89
N ASN B 97 32.18 -23.36 -6.12
CA ASN B 97 33.09 -22.21 -6.40
C ASN B 97 32.28 -20.91 -6.50
N GLY B 98 30.95 -21.00 -6.60
CA GLY B 98 30.05 -19.84 -6.60
C GLY B 98 29.86 -19.26 -5.20
N ASP B 99 29.36 -20.09 -4.29
CA ASP B 99 28.80 -19.69 -2.96
C ASP B 99 29.66 -18.65 -2.24
N ASP B 100 30.98 -18.78 -2.27
CA ASP B 100 31.90 -17.94 -1.47
C ASP B 100 32.22 -16.66 -2.28
N GLU B 101 31.53 -16.46 -3.41
CA GLU B 101 31.69 -15.27 -4.28
C GLU B 101 30.38 -14.45 -4.37
N TYR B 102 29.23 -15.10 -4.57
CA TYR B 102 27.97 -14.41 -4.95
C TYR B 102 26.90 -14.58 -3.86
N GLU B 103 26.31 -13.44 -3.47
CA GLU B 103 25.12 -13.32 -2.58
C GLU B 103 24.03 -12.58 -3.36
N ILE B 104 22.90 -13.23 -3.59
CA ILE B 104 21.73 -12.66 -4.33
C ILE B 104 20.85 -11.93 -3.31
N GLU B 105 20.66 -10.61 -3.49
CA GLU B 105 19.98 -9.69 -2.54
C GLU B 105 18.50 -9.48 -2.95
N ASP B 106 18.20 -9.41 -4.25
CA ASP B 106 16.87 -8.96 -4.72
C ASP B 106 16.63 -9.30 -6.18
N VAL B 107 15.39 -9.67 -6.50
CA VAL B 107 14.83 -9.82 -7.88
C VAL B 107 13.62 -8.87 -8.01
N LYS B 108 13.64 -7.96 -8.99
CA LYS B 108 12.42 -7.18 -9.36
C LYS B 108 12.05 -7.42 -10.84
N PHE B 109 10.78 -7.74 -11.09
CA PHE B 109 10.20 -7.92 -12.45
C PHE B 109 10.18 -6.58 -13.21
N VAL B 110 10.67 -6.57 -14.46
CA VAL B 110 10.61 -5.39 -15.37
C VAL B 110 9.34 -5.48 -16.24
N THR B 111 9.09 -6.64 -16.89
CA THR B 111 8.07 -6.81 -17.98
C THR B 111 6.66 -6.61 -17.43
N ALA B 112 6.17 -7.51 -16.57
CA ALA B 112 4.91 -7.34 -15.82
C ALA B 112 5.11 -7.64 -14.33
N GLY B 113 4.25 -7.09 -13.46
CA GLY B 113 4.33 -7.20 -11.99
C GLY B 113 5.56 -6.54 -11.40
N SER B 114 6.02 -5.41 -11.96
CA SER B 114 7.20 -4.62 -11.53
C SER B 114 6.92 -3.91 -10.19
N THR B 115 5.65 -3.59 -9.94
CA THR B 115 5.07 -3.19 -8.64
C THR B 115 5.59 -4.13 -7.53
N LEU B 116 5.50 -5.44 -7.74
CA LEU B 116 5.57 -6.51 -6.69
C LEU B 116 6.85 -6.43 -5.85
N GLU B 117 6.69 -6.42 -4.52
CA GLU B 117 7.80 -6.63 -3.56
C GLU B 117 8.04 -8.13 -3.43
N LEU B 118 9.17 -8.61 -3.95
CA LEU B 118 9.51 -10.05 -3.99
C LEU B 118 10.43 -10.38 -2.82
N LYS B 119 11.32 -9.46 -2.44
CA LYS B 119 12.19 -9.58 -1.24
C LYS B 119 11.30 -9.70 -0.01
N ASN B 120 11.33 -10.87 0.62
CA ASN B 120 10.35 -11.25 1.66
C ASN B 120 11.05 -11.29 3.03
N SER B 121 10.61 -10.44 3.94
CA SER B 121 11.27 -10.17 5.24
C SER B 121 11.11 -11.39 6.15
N LEU B 122 10.06 -12.18 5.96
CA LEU B 122 9.77 -13.36 6.83
C LEU B 122 10.41 -14.65 6.28
N LEU B 123 11.25 -14.56 5.24
CA LEU B 123 11.83 -15.75 4.57
C LEU B 123 13.34 -15.83 4.80
N ALA B 124 13.79 -16.92 5.45
CA ALA B 124 15.22 -17.12 5.81
C ALA B 124 15.98 -17.59 4.58
N VAL B 125 17.26 -17.22 4.49
CA VAL B 125 18.22 -17.78 3.49
C VAL B 125 18.20 -19.29 3.72
N GLU B 126 17.95 -20.07 2.67
CA GLU B 126 17.80 -21.55 2.72
C GLU B 126 19.12 -22.22 2.30
N ASN B 127 19.36 -23.45 2.76
CA ASN B 127 20.40 -24.33 2.18
C ASN B 127 19.77 -24.96 0.94
N SER B 128 20.53 -25.04 -0.16
CA SER B 128 20.06 -25.66 -1.42
C SER B 128 19.75 -27.12 -1.09
N GLN B 129 18.56 -27.58 -1.45
CA GLN B 129 18.26 -29.03 -1.41
C GLN B 129 19.09 -29.72 -2.51
N GLU B 130 19.09 -29.20 -3.74
CA GLU B 130 19.65 -29.85 -4.97
C GLU B 130 21.10 -30.26 -4.78
N GLU B 131 21.46 -31.44 -5.28
CA GLU B 131 22.83 -32.03 -5.18
C GLU B 131 23.85 -31.09 -5.82
N GLY B 132 24.95 -30.77 -5.13
CA GLY B 132 26.08 -29.98 -5.66
C GLY B 132 25.93 -28.47 -5.44
N TYR B 133 24.74 -28.03 -5.03
CA TYR B 133 24.42 -26.60 -4.70
C TYR B 133 24.56 -26.35 -3.19
N VAL B 134 24.98 -25.14 -2.82
CA VAL B 134 25.29 -24.74 -1.41
C VAL B 134 24.12 -23.92 -0.82
N THR B 135 23.99 -22.64 -1.15
CA THR B 135 22.96 -21.72 -0.60
C THR B 135 21.83 -21.53 -1.61
N ALA B 136 20.62 -21.23 -1.14
CA ALA B 136 19.42 -20.97 -1.95
C ALA B 136 18.74 -19.67 -1.45
N TYR B 137 18.99 -18.55 -2.14
CA TYR B 137 18.39 -17.22 -1.84
C TYR B 137 16.97 -17.23 -2.39
N PRO B 138 15.93 -17.37 -1.54
CA PRO B 138 14.54 -17.30 -2.00
C PRO B 138 13.91 -15.89 -2.06
N PHE B 139 12.78 -15.79 -2.78
CA PHE B 139 12.04 -14.56 -3.22
C PHE B 139 10.62 -14.93 -3.63
N GLY B 140 9.60 -14.12 -3.25
CA GLY B 140 8.20 -14.40 -3.59
C GLY B 140 7.25 -14.00 -2.49
N ILE B 141 5.97 -14.39 -2.62
CA ILE B 141 4.85 -13.95 -1.76
C ILE B 141 4.06 -15.21 -1.33
N LEU B 142 3.98 -15.42 -0.01
CA LEU B 142 3.40 -16.62 0.65
C LEU B 142 1.88 -16.66 0.49
N MET B 143 1.31 -17.86 0.29
CA MET B 143 -0.15 -18.14 0.20
C MET B 143 -0.82 -17.11 -0.73
N SER B 144 -0.13 -16.71 -1.81
CA SER B 144 -0.56 -15.65 -2.77
C SER B 144 -0.57 -16.22 -4.20
N ASP B 145 -1.53 -15.78 -5.02
CA ASP B 145 -1.74 -16.22 -6.43
C ASP B 145 -1.14 -15.20 -7.40
N GLU B 146 -0.14 -14.43 -6.96
CA GLU B 146 0.24 -13.16 -7.64
C GLU B 146 1.31 -13.41 -8.71
N ILE B 147 2.32 -14.23 -8.43
CA ILE B 147 3.55 -14.30 -9.27
C ILE B 147 3.25 -15.03 -10.59
N LYS B 148 2.28 -15.94 -10.61
CA LYS B 148 1.90 -16.69 -11.85
C LYS B 148 1.42 -15.67 -12.90
N ASN B 149 0.60 -14.71 -12.45
CA ASN B 149 -0.03 -13.66 -13.30
C ASN B 149 1.06 -12.88 -14.04
N ALA B 150 1.95 -12.20 -13.32
CA ALA B 150 3.08 -11.41 -13.89
C ALA B 150 3.77 -12.17 -15.02
N PHE B 151 3.98 -13.48 -14.87
CA PHE B 151 4.68 -14.34 -15.87
C PHE B 151 3.78 -14.59 -17.10
N LYS B 152 2.47 -14.85 -16.87
CA LYS B 152 1.47 -15.15 -17.93
C LYS B 152 1.62 -14.15 -19.08
N LEU B 153 1.80 -12.87 -18.76
CA LEU B 153 1.81 -11.75 -19.73
C LEU B 153 3.12 -11.86 -20.53
N HIS B 159 3.70 -17.08 -27.97
CA HIS B 159 2.75 -16.87 -26.84
C HIS B 159 3.52 -16.47 -25.57
N TRP B 160 4.46 -17.32 -25.11
CA TRP B 160 5.29 -17.12 -23.89
C TRP B 160 6.72 -16.69 -24.26
N ASN B 161 7.16 -15.54 -23.77
CA ASN B 161 8.53 -15.04 -24.07
C ASN B 161 9.29 -14.72 -22.77
N TYR B 162 10.60 -14.47 -22.87
CA TYR B 162 11.43 -14.23 -21.67
C TYR B 162 10.85 -13.11 -20.80
N MET B 163 10.86 -13.32 -19.49
CA MET B 163 10.39 -12.28 -18.53
C MET B 163 11.62 -11.52 -18.07
N LEU B 164 11.66 -10.22 -18.35
CA LEU B 164 12.83 -9.39 -17.96
C LEU B 164 12.73 -9.12 -16.46
N ALA B 165 13.86 -8.94 -15.78
CA ALA B 165 13.87 -8.60 -14.34
C ALA B 165 15.27 -8.11 -13.97
N ASP B 166 15.35 -7.28 -12.94
CA ASP B 166 16.64 -6.76 -12.39
C ASP B 166 16.96 -7.61 -11.15
N LEU B 167 18.17 -8.17 -11.13
CA LEU B 167 18.67 -9.06 -10.07
C LEU B 167 19.83 -8.36 -9.37
N THR B 168 19.64 -8.02 -8.10
CA THR B 168 20.70 -7.39 -7.26
C THR B 168 21.55 -8.55 -6.77
N VAL B 169 22.86 -8.46 -6.96
CA VAL B 169 23.85 -9.54 -6.68
C VAL B 169 25.03 -8.85 -6.02
N LYS B 170 25.38 -9.30 -4.80
CA LYS B 170 26.55 -8.81 -4.04
C LYS B 170 27.73 -9.75 -4.26
N ASN B 171 28.92 -9.18 -4.26
CA ASN B 171 30.22 -9.88 -4.39
C ASN B 171 30.95 -9.81 -3.05
N LYS B 172 31.07 -10.96 -2.36
CA LYS B 172 31.76 -11.11 -1.05
C LYS B 172 33.24 -10.70 -1.15
N LEU B 173 33.90 -10.98 -2.27
CA LEU B 173 35.37 -10.76 -2.43
C LEU B 173 35.65 -9.26 -2.62
N THR B 174 34.75 -8.52 -3.29
CA THR B 174 34.91 -7.08 -3.68
C THR B 174 34.17 -6.15 -2.69
N GLN B 175 33.08 -6.67 -2.09
CA GLN B 175 32.10 -5.93 -1.25
C GLN B 175 31.32 -4.92 -2.11
N GLU B 176 31.21 -5.18 -3.42
CA GLU B 176 30.47 -4.33 -4.40
C GLU B 176 29.19 -5.07 -4.83
N THR B 177 28.04 -4.42 -4.62
CA THR B 177 26.67 -4.91 -4.99
C THR B 177 26.26 -4.31 -6.34
N LYS B 178 26.05 -5.13 -7.36
CA LYS B 178 25.80 -4.67 -8.75
C LYS B 178 24.41 -5.16 -9.20
N ILE B 179 23.76 -4.44 -10.13
CA ILE B 179 22.45 -4.82 -10.71
C ILE B 179 22.66 -5.34 -12.15
N TYR B 180 22.12 -6.53 -12.43
CA TYR B 180 22.25 -7.24 -13.72
C TYR B 180 20.87 -7.38 -14.35
N LYS B 181 20.82 -7.06 -15.65
CA LYS B 181 19.68 -7.29 -16.57
C LYS B 181 19.68 -8.77 -16.93
N ILE B 182 18.62 -9.48 -16.53
CA ILE B 182 18.45 -10.96 -16.68
C ILE B 182 17.04 -11.24 -17.23
N SER B 183 16.87 -12.43 -17.83
CA SER B 183 15.60 -12.93 -18.40
C SER B 183 15.25 -14.29 -17.78
N LEU B 184 14.05 -14.42 -17.21
CA LEU B 184 13.56 -15.65 -16.57
C LEU B 184 12.48 -16.31 -17.45
N ASN B 185 12.73 -17.51 -17.94
CA ASN B 185 11.77 -18.32 -18.75
C ASN B 185 10.39 -18.30 -18.07
N SER B 186 9.30 -18.19 -18.85
CA SER B 186 7.92 -17.92 -18.37
C SER B 186 7.02 -19.16 -18.52
N LYS B 187 7.27 -19.97 -19.55
CA LYS B 187 6.45 -21.17 -19.88
C LYS B 187 6.37 -22.07 -18.65
N LEU B 188 7.56 -22.43 -18.18
CA LEU B 188 7.88 -23.52 -17.21
C LEU B 188 7.00 -23.42 -15.98
N ILE B 189 6.61 -22.19 -15.60
CA ILE B 189 6.03 -21.87 -14.27
C ILE B 189 4.54 -22.20 -14.29
N ILE B 190 3.88 -21.92 -15.43
CA ILE B 190 2.44 -22.24 -15.62
C ILE B 190 2.35 -23.74 -15.92
N GLU B 191 3.39 -24.31 -16.54
CA GLU B 191 3.54 -25.77 -16.71
C GLU B 191 3.58 -26.41 -15.32
N PHE B 192 4.65 -26.06 -14.58
CA PHE B 192 5.01 -26.52 -13.22
C PHE B 192 3.76 -26.51 -12.32
N LEU B 193 2.91 -25.49 -12.44
CA LEU B 193 1.68 -25.33 -11.60
C LEU B 193 0.62 -26.39 -11.95
N LYS B 194 0.51 -26.75 -13.24
CA LYS B 194 -0.51 -27.73 -13.72
C LYS B 194 -0.09 -29.15 -13.27
N GLU B 195 1.14 -29.57 -13.59
CA GLU B 195 1.76 -30.84 -13.14
C GLU B 195 1.50 -31.05 -11.64
N VAL B 196 2.02 -30.13 -10.82
CA VAL B 196 1.91 -30.17 -9.34
C VAL B 196 0.42 -30.35 -8.98
N LEU B 197 -0.49 -29.63 -9.63
CA LEU B 197 -1.96 -29.80 -9.46
C LEU B 197 -2.36 -31.23 -9.89
N LYS B 198 -1.91 -31.64 -11.08
CA LYS B 198 -2.15 -33.00 -11.65
C LYS B 198 -1.93 -34.04 -10.53
N GLU B 199 -0.81 -33.92 -9.81
CA GLU B 199 -0.41 -34.89 -8.77
C GLU B 199 -1.21 -34.64 -7.48
N ASN B 200 -1.56 -33.38 -7.18
CA ASN B 200 -1.95 -32.97 -5.81
C ASN B 200 -3.18 -32.05 -5.88
N SER B 201 -4.35 -32.64 -6.07
CA SER B 201 -5.58 -31.95 -6.54
C SER B 201 -6.47 -31.54 -5.35
N ILE B 202 -5.99 -31.67 -4.12
CA ILE B 202 -6.63 -31.07 -2.91
C ILE B 202 -6.24 -29.59 -2.87
N LEU B 203 -5.07 -29.26 -3.46
CA LEU B 203 -4.43 -27.92 -3.45
C LEU B 203 -5.33 -26.89 -4.13
N LYS B 204 -6.12 -27.30 -5.13
CA LYS B 204 -7.05 -26.41 -5.86
C LYS B 204 -8.00 -25.75 -4.84
N ASP B 205 -8.44 -26.52 -3.83
CA ASP B 205 -9.38 -26.10 -2.76
C ASP B 205 -8.60 -25.62 -1.51
N ILE B 206 -7.68 -26.45 -1.00
CA ILE B 206 -6.98 -26.26 0.31
C ILE B 206 -6.01 -25.07 0.22
N ALA B 207 -5.34 -24.86 -0.94
CA ALA B 207 -4.53 -23.65 -1.24
C ALA B 207 -5.45 -22.55 -1.76
N GLY B 208 -4.88 -21.43 -2.18
CA GLY B 208 -5.66 -20.32 -2.76
C GLY B 208 -5.96 -20.57 -4.23
N ASP B 209 -6.00 -19.49 -5.01
CA ASP B 209 -6.18 -19.53 -6.49
C ASP B 209 -4.80 -19.70 -7.12
N LEU B 210 -3.80 -20.04 -6.31
CA LEU B 210 -2.44 -20.43 -6.78
C LEU B 210 -2.59 -21.52 -7.84
N PHE B 211 -3.58 -22.42 -7.65
CA PHE B 211 -3.91 -23.59 -8.51
C PHE B 211 -5.34 -23.50 -9.07
N GLU B 212 -5.82 -22.29 -9.40
CA GLU B 212 -7.16 -22.04 -10.03
C GLU B 212 -7.02 -20.95 -11.10
N SER C 10 -32.23 11.02 -27.97
CA SER C 10 -30.80 11.15 -27.55
C SER C 10 -30.65 10.92 -26.03
N ASN C 11 -29.41 10.74 -25.57
CA ASN C 11 -29.05 10.47 -24.15
C ASN C 11 -29.18 11.73 -23.29
N THR C 12 -29.46 12.91 -23.87
CA THR C 12 -29.15 14.24 -23.28
C THR C 12 -29.49 14.20 -21.78
N GLY C 13 -28.51 14.54 -20.94
CA GLY C 13 -28.59 14.39 -19.47
C GLY C 13 -29.60 15.36 -18.90
N LYS C 14 -30.14 15.06 -17.74
CA LYS C 14 -31.16 15.92 -17.09
C LYS C 14 -30.75 16.12 -15.64
N PRO C 15 -30.04 17.22 -15.32
CA PRO C 15 -29.45 17.41 -13.98
C PRO C 15 -30.51 17.26 -12.89
N ILE C 16 -30.15 16.55 -11.81
CA ILE C 16 -31.12 16.10 -10.75
C ILE C 16 -31.39 17.30 -9.82
N SER C 17 -32.63 17.45 -9.35
CA SER C 17 -33.13 18.71 -8.71
C SER C 17 -33.44 18.47 -7.23
N ASP C 18 -33.72 17.22 -6.85
CA ASP C 18 -33.84 16.79 -5.43
C ASP C 18 -32.45 17.01 -4.86
N GLU C 19 -32.37 17.39 -3.61
CA GLU C 19 -31.06 17.78 -3.04
C GLU C 19 -30.66 16.63 -2.11
N LYS C 20 -30.51 15.46 -2.74
CA LYS C 20 -30.26 14.13 -2.12
C LYS C 20 -29.01 13.53 -2.78
N LEU C 21 -28.34 12.63 -2.05
CA LEU C 21 -27.08 12.02 -2.48
C LEU C 21 -27.34 10.97 -3.55
N HIS C 22 -26.77 11.09 -4.75
CA HIS C 22 -26.86 10.10 -5.86
C HIS C 22 -25.45 9.86 -6.42
N LEU C 23 -24.81 8.74 -6.08
CA LEU C 23 -23.41 8.47 -6.48
C LEU C 23 -23.32 7.60 -7.72
N ILE C 24 -22.20 7.72 -8.45
CA ILE C 24 -21.82 6.85 -9.60
C ILE C 24 -20.29 6.84 -9.62
N SER C 25 -19.70 5.83 -10.25
CA SER C 25 -18.27 5.53 -10.19
C SER C 25 -17.87 4.87 -11.49
N GLY C 26 -16.57 4.84 -11.78
CA GLY C 26 -16.04 4.32 -13.05
C GLY C 26 -14.54 4.30 -13.06
N LYS C 27 -13.96 3.88 -14.17
CA LYS C 27 -12.50 3.79 -14.36
C LYS C 27 -12.20 4.36 -15.74
N ILE C 28 -11.20 5.23 -15.82
CA ILE C 28 -10.66 5.71 -17.13
C ILE C 28 -9.41 4.88 -17.42
N SER C 29 -9.51 3.97 -18.39
CA SER C 29 -8.45 3.00 -18.72
C SER C 29 -7.59 3.59 -19.83
N ASN C 30 -6.27 3.51 -19.68
CA ASN C 30 -5.29 3.69 -20.79
C ASN C 30 -5.39 5.10 -21.37
N LYS C 31 -5.39 6.10 -20.50
CA LYS C 31 -5.36 7.54 -20.90
C LYS C 31 -4.42 8.31 -20.00
N LYS C 32 -3.85 9.39 -20.53
CA LYS C 32 -2.97 10.34 -19.81
C LYS C 32 -3.80 11.02 -18.69
N LEU C 33 -3.14 11.45 -17.62
CA LEU C 33 -3.82 12.12 -16.48
C LEU C 33 -4.32 13.44 -17.04
N PRO C 34 -5.52 13.91 -16.61
CA PRO C 34 -6.14 15.11 -17.20
C PRO C 34 -5.40 16.40 -16.81
N ILE C 35 -4.17 16.58 -17.31
CA ILE C 35 -3.19 17.64 -16.92
C ILE C 35 -2.82 18.44 -18.16
N ILE C 36 -2.97 19.77 -18.13
CA ILE C 36 -2.51 20.72 -19.18
C ILE C 36 -0.98 20.72 -19.19
N ASN C 37 -0.37 20.39 -20.34
CA ASN C 37 1.09 20.45 -20.58
C ASN C 37 1.40 21.77 -21.30
N SER C 38 1.49 22.86 -20.53
CA SER C 38 1.68 24.23 -21.05
C SER C 38 2.79 24.88 -20.23
N ASN C 39 3.32 26.01 -20.72
CA ASN C 39 4.50 26.71 -20.17
C ASN C 39 4.10 27.39 -18.87
N HIS C 40 5.02 27.48 -17.91
CA HIS C 40 4.79 28.23 -16.66
C HIS C 40 6.06 29.03 -16.35
N ASP C 41 5.96 29.90 -15.35
CA ASP C 41 7.10 30.42 -14.55
C ASP C 41 7.11 29.65 -13.23
N VAL C 42 8.26 29.11 -12.87
CA VAL C 42 8.45 28.30 -11.63
C VAL C 42 9.67 28.84 -10.88
N THR C 43 9.47 29.33 -9.66
CA THR C 43 10.55 29.68 -8.72
C THR C 43 10.86 28.49 -7.82
N TRP C 44 12.09 28.48 -7.29
CA TRP C 44 12.68 27.35 -6.52
C TRP C 44 13.78 27.92 -5.63
N ILE C 45 14.00 27.23 -4.52
CA ILE C 45 15.11 27.47 -3.57
C ILE C 45 15.64 26.08 -3.24
N LYS C 46 16.96 25.89 -3.33
CA LYS C 46 17.64 24.64 -2.95
C LYS C 46 18.99 24.96 -2.31
N THR C 47 19.55 23.96 -1.64
CA THR C 47 20.96 23.91 -1.17
C THR C 47 21.87 23.90 -2.39
N LYS C 48 23.04 24.54 -2.32
CA LYS C 48 24.12 24.33 -3.31
C LYS C 48 24.46 22.84 -3.29
N ALA C 49 24.74 22.26 -4.46
CA ALA C 49 25.14 20.84 -4.56
C ALA C 49 26.27 20.59 -3.56
N MET C 50 26.17 19.50 -2.81
CA MET C 50 27.13 19.10 -1.75
C MET C 50 27.79 17.76 -2.12
N THR C 51 29.04 17.57 -1.69
CA THR C 51 29.88 16.34 -1.84
C THR C 51 29.07 15.10 -1.40
N ILE C 52 29.08 14.05 -2.20
CA ILE C 52 28.47 12.74 -1.82
C ILE C 52 29.39 12.10 -0.77
N LEU C 53 28.81 11.59 0.32
CA LEU C 53 29.54 10.92 1.43
C LEU C 53 29.13 9.46 1.46
N GLY C 54 30.05 8.56 1.85
CA GLY C 54 29.78 7.12 2.07
C GLY C 54 29.30 6.85 3.49
N GLU C 55 29.25 5.58 3.89
CA GLU C 55 28.84 5.11 5.24
C GLU C 55 29.65 5.85 6.30
N ASP C 56 30.98 5.90 6.11
CA ASP C 56 32.00 6.47 7.04
C ASP C 56 31.78 7.98 7.22
N GLY C 57 30.99 8.61 6.34
CA GLY C 57 30.72 10.06 6.36
C GLY C 57 31.84 10.88 5.74
N LYS C 58 32.71 10.23 4.95
CA LYS C 58 33.81 10.86 4.16
C LYS C 58 33.51 10.75 2.66
N GLU C 59 33.94 11.73 1.88
CA GLU C 59 33.63 11.84 0.43
C GLU C 59 34.03 10.54 -0.28
N ILE C 60 33.07 9.90 -0.96
CA ILE C 60 33.31 8.79 -1.93
C ILE C 60 34.11 9.37 -3.09
N PRO C 61 35.38 8.91 -3.29
CA PRO C 61 36.28 9.46 -4.32
C PRO C 61 35.80 9.32 -5.78
N GLU C 62 35.22 8.17 -6.15
CA GLU C 62 34.66 7.94 -7.51
C GLU C 62 33.80 9.14 -7.92
N PHE C 63 32.98 9.64 -6.99
CA PHE C 63 31.92 10.65 -7.27
C PHE C 63 32.46 12.07 -7.16
N LYS C 64 33.75 12.25 -6.81
CA LYS C 64 34.41 13.56 -6.54
C LYS C 64 34.37 14.39 -7.82
N ASN C 65 33.86 15.62 -7.74
CA ASN C 65 33.62 16.54 -8.88
C ASN C 65 32.89 15.80 -10.00
N LYS C 66 32.18 14.72 -9.67
CA LYS C 66 31.41 13.91 -10.65
C LYS C 66 29.89 14.15 -10.45
N PHE C 67 29.40 14.19 -9.20
CA PHE C 67 28.02 14.66 -8.91
C PHE C 67 27.85 14.91 -7.40
N GLY C 68 27.06 15.94 -7.07
CA GLY C 68 26.66 16.29 -5.68
C GLY C 68 25.18 16.00 -5.42
N TYR C 69 24.73 16.27 -4.19
CA TYR C 69 23.32 16.12 -3.76
C TYR C 69 22.85 17.47 -3.23
N SER C 70 21.56 17.75 -3.37
CA SER C 70 20.93 18.97 -2.82
C SER C 70 19.53 18.64 -2.33
N TYR C 71 19.01 19.52 -1.46
CA TYR C 71 17.58 19.56 -1.09
C TYR C 71 17.00 20.79 -1.78
N ILE C 72 15.81 20.65 -2.35
CA ILE C 72 15.15 21.69 -3.20
C ILE C 72 13.65 21.75 -2.83
N ILE C 73 13.10 22.97 -2.81
CA ILE C 73 11.64 23.19 -2.77
C ILE C 73 11.25 23.79 -4.12
N SER C 74 10.33 23.15 -4.83
CA SER C 74 9.58 23.79 -5.95
C SER C 74 8.35 22.97 -6.29
N PRO C 75 7.31 23.63 -6.86
CA PRO C 75 7.34 25.07 -7.08
C PRO C 75 7.13 25.88 -5.78
N VAL C 76 8.02 26.85 -5.48
CA VAL C 76 7.78 27.86 -4.41
C VAL C 76 6.62 28.75 -4.87
N LYS C 77 6.76 29.32 -6.05
CA LYS C 77 5.72 30.08 -6.77
C LYS C 77 5.55 29.45 -8.14
N MET C 78 4.34 29.54 -8.72
CA MET C 78 4.09 29.16 -10.13
C MET C 78 3.29 30.29 -10.80
N ASP C 79 3.81 30.79 -11.92
CA ASP C 79 3.21 31.96 -12.63
C ASP C 79 3.11 33.12 -11.63
N GLY C 80 4.18 33.36 -10.87
CA GLY C 80 4.30 34.46 -9.89
C GLY C 80 3.29 34.36 -8.75
N LYS C 81 2.76 33.17 -8.45
CA LYS C 81 1.79 32.92 -7.34
C LYS C 81 2.26 31.71 -6.53
N TYR C 82 2.25 31.85 -5.20
CA TYR C 82 2.64 30.75 -4.27
C TYR C 82 1.77 29.52 -4.58
N SER C 83 2.39 28.33 -4.67
CA SER C 83 1.78 27.09 -5.20
C SER C 83 1.47 26.09 -4.09
N TYR C 84 0.24 25.56 -4.09
CA TYR C 84 -0.26 24.40 -3.28
C TYR C 84 0.59 23.15 -3.58
N TYR C 85 1.12 23.09 -4.80
CA TYR C 85 1.90 21.96 -5.36
C TYR C 85 3.35 22.00 -4.84
N ALA C 86 3.76 23.02 -4.07
CA ALA C 86 5.14 23.12 -3.54
C ALA C 86 5.54 21.78 -2.89
N SER C 87 6.80 21.34 -3.09
CA SER C 87 7.26 19.97 -2.77
C SER C 87 8.75 19.95 -2.46
N LEU C 88 9.15 18.97 -1.65
CA LEU C 88 10.52 18.73 -1.18
C LEU C 88 11.06 17.54 -1.95
N LEU C 89 12.07 17.77 -2.78
CA LEU C 89 12.79 16.73 -3.54
C LEU C 89 14.26 16.76 -3.13
N ILE C 90 14.90 15.60 -3.23
CA ILE C 90 16.37 15.40 -3.16
C ILE C 90 16.86 15.29 -4.60
N LEU C 91 17.70 16.24 -5.05
CA LEU C 91 18.35 16.21 -6.39
C LEU C 91 19.70 15.51 -6.29
N PHE C 92 20.06 14.70 -7.28
CA PHE C 92 21.48 14.35 -7.57
C PHE C 92 21.89 14.99 -8.90
N GLU C 93 22.82 15.95 -8.82
CA GLU C 93 23.16 16.89 -9.92
C GLU C 93 24.61 16.65 -10.35
N THR C 94 24.79 16.36 -11.63
CA THR C 94 26.08 15.96 -12.22
C THR C 94 26.83 17.23 -12.59
N THR C 95 28.15 17.14 -12.57
CA THR C 95 29.09 18.18 -13.06
C THR C 95 29.17 18.09 -14.58
N LYS C 96 29.65 19.14 -15.25
CA LYS C 96 30.04 19.10 -16.69
C LYS C 96 30.87 17.84 -16.95
N ASN C 97 31.80 17.52 -16.03
CA ASN C 97 32.78 16.42 -16.19
C ASN C 97 32.12 15.08 -15.83
N GLY C 98 31.02 15.11 -15.07
CA GLY C 98 30.40 13.89 -14.54
C GLY C 98 29.24 13.38 -15.39
N ASP C 99 28.69 14.23 -16.25
CA ASP C 99 27.38 13.96 -16.89
C ASP C 99 27.49 12.75 -17.83
N ASP C 100 28.60 12.61 -18.58
CA ASP C 100 28.77 11.48 -19.54
C ASP C 100 29.00 10.17 -18.77
N GLU C 101 29.54 10.27 -17.56
CA GLU C 101 29.99 9.09 -16.78
C GLU C 101 28.82 8.55 -15.95
N TYR C 102 28.08 9.41 -15.22
CA TYR C 102 27.15 8.94 -14.16
C TYR C 102 25.68 9.27 -14.47
N GLU C 103 24.81 8.30 -14.18
CA GLU C 103 23.34 8.45 -14.19
C GLU C 103 22.77 7.83 -12.89
N ILE C 104 22.04 8.59 -12.06
CA ILE C 104 21.49 8.12 -10.75
C ILE C 104 20.05 7.58 -10.93
N GLU C 105 19.80 6.34 -10.57
CA GLU C 105 18.57 5.59 -10.93
C GLU C 105 17.58 5.57 -9.76
N ASP C 106 18.08 5.56 -8.51
CA ASP C 106 17.24 5.38 -7.31
C ASP C 106 18.01 5.75 -6.02
N VAL C 107 17.26 6.22 -5.03
CA VAL C 107 17.72 6.39 -3.63
C VAL C 107 16.64 5.79 -2.71
N LYS C 108 17.04 4.87 -1.83
CA LYS C 108 16.20 4.28 -0.76
C LYS C 108 16.87 4.58 0.59
N PHE C 109 16.12 5.15 1.53
CA PHE C 109 16.59 5.39 2.92
C PHE C 109 16.79 4.06 3.65
N VAL C 110 17.89 3.91 4.40
CA VAL C 110 18.09 2.72 5.30
C VAL C 110 17.75 3.09 6.76
N THR C 111 18.37 4.11 7.36
CA THR C 111 18.23 4.52 8.79
C THR C 111 16.76 4.65 9.23
N ALA C 112 15.98 5.48 8.53
CA ALA C 112 14.53 5.63 8.75
C ALA C 112 13.89 6.02 7.40
N GLY C 113 12.63 5.67 7.20
CA GLY C 113 11.90 5.89 5.93
C GLY C 113 12.28 4.87 4.87
N SER C 114 12.67 3.66 5.28
CA SER C 114 13.06 2.54 4.39
C SER C 114 11.90 2.12 3.48
N THR C 115 10.63 2.25 3.90
CA THR C 115 9.45 1.79 3.07
C THR C 115 9.01 2.88 2.08
N LEU C 116 9.57 4.10 2.15
CA LEU C 116 9.21 5.20 1.22
C LEU C 116 9.78 4.93 -0.18
N GLU C 117 8.88 5.01 -1.18
CA GLU C 117 9.18 4.96 -2.64
C GLU C 117 9.59 6.36 -3.10
N LEU C 118 10.88 6.58 -3.29
CA LEU C 118 11.46 7.92 -3.59
C LEU C 118 11.63 8.11 -5.09
N LYS C 119 11.60 7.00 -5.84
CA LYS C 119 11.64 6.98 -7.32
C LYS C 119 10.22 7.26 -7.79
N ASN C 120 10.02 8.43 -8.40
CA ASN C 120 8.69 9.00 -8.69
C ASN C 120 8.40 8.86 -10.18
N SER C 121 7.44 8.01 -10.53
CA SER C 121 7.00 7.72 -11.92
C SER C 121 6.58 9.00 -12.63
N LEU C 122 6.09 10.02 -11.94
CA LEU C 122 5.69 11.28 -12.64
C LEU C 122 6.86 12.27 -12.78
N LEU C 123 8.02 12.07 -12.16
CA LEU C 123 9.11 13.10 -12.21
C LEU C 123 10.09 12.78 -13.35
N ALA C 124 10.17 13.67 -14.33
CA ALA C 124 11.15 13.67 -15.43
C ALA C 124 12.54 14.03 -14.89
N VAL C 125 13.56 13.43 -15.47
CA VAL C 125 14.96 13.89 -15.29
C VAL C 125 14.99 15.37 -15.64
N GLU C 126 15.65 16.19 -14.82
CA GLU C 126 15.61 17.65 -14.98
C GLU C 126 16.98 18.13 -15.44
N ASN C 127 17.11 19.38 -15.84
CA ASN C 127 18.41 20.07 -16.01
C ASN C 127 18.70 20.83 -14.71
N SER C 128 19.93 20.77 -14.19
CA SER C 128 20.33 21.49 -12.94
C SER C 128 20.25 22.97 -13.22
N GLN C 129 19.83 23.75 -12.23
CA GLN C 129 19.69 25.24 -12.33
C GLN C 129 20.90 25.91 -11.65
N GLU C 130 21.89 25.12 -11.25
CA GLU C 130 23.15 25.58 -10.61
C GLU C 130 24.25 25.69 -11.67
N GLU C 131 24.99 26.79 -11.72
CA GLU C 131 26.16 26.97 -12.63
C GLU C 131 27.10 25.78 -12.44
N GLY C 132 27.58 25.19 -13.54
CA GLY C 132 28.65 24.16 -13.59
C GLY C 132 28.12 22.74 -13.41
N TYR C 133 26.81 22.61 -13.22
CA TYR C 133 26.07 21.32 -13.09
C TYR C 133 25.22 21.15 -14.35
N VAL C 134 24.87 19.91 -14.68
CA VAL C 134 24.20 19.61 -15.98
C VAL C 134 22.87 18.93 -15.70
N THR C 135 22.89 17.67 -15.25
CA THR C 135 21.67 16.84 -15.08
C THR C 135 21.28 16.82 -13.60
N ALA C 136 19.99 16.91 -13.31
CA ALA C 136 19.48 16.81 -11.92
C ALA C 136 18.50 15.64 -11.88
N TYR C 137 18.88 14.57 -11.20
CA TYR C 137 18.04 13.37 -11.03
C TYR C 137 17.20 13.61 -9.79
N PRO C 138 15.89 13.93 -9.94
CA PRO C 138 15.01 14.15 -8.79
C PRO C 138 14.48 12.88 -8.08
N PHE C 139 14.44 12.88 -6.75
CA PHE C 139 13.73 11.81 -5.97
C PHE C 139 12.93 12.45 -4.83
N GLY C 140 11.78 11.83 -4.52
CA GLY C 140 10.90 12.24 -3.41
C GLY C 140 9.41 12.10 -3.71
N ILE C 141 8.59 12.74 -2.88
CA ILE C 141 7.10 12.63 -2.90
C ILE C 141 6.54 14.05 -2.86
N LEU C 142 5.69 14.38 -3.83
CA LEU C 142 5.05 15.69 -4.04
C LEU C 142 3.97 15.95 -2.98
N MET C 143 3.79 17.22 -2.61
CA MET C 143 2.74 17.69 -1.66
C MET C 143 2.66 16.71 -0.47
N SER C 144 3.80 16.49 0.22
CA SER C 144 3.95 15.51 1.32
C SER C 144 5.07 15.89 2.28
N ASP C 145 4.96 15.41 3.52
CA ASP C 145 5.84 15.71 4.68
C ASP C 145 6.74 14.51 4.99
N GLU C 146 6.61 13.42 4.23
CA GLU C 146 7.08 12.08 4.64
C GLU C 146 8.60 12.05 4.65
N ILE C 147 9.25 12.75 3.72
CA ILE C 147 10.73 12.83 3.71
C ILE C 147 11.17 13.63 4.94
N LYS C 148 10.51 14.76 5.20
CA LYS C 148 10.79 15.63 6.38
C LYS C 148 10.62 14.82 7.67
N ASN C 149 9.57 14.00 7.75
CA ASN C 149 9.32 13.11 8.93
C ASN C 149 10.50 12.14 9.06
N ALA C 150 10.71 11.28 8.07
CA ALA C 150 11.83 10.30 8.02
C ALA C 150 13.11 10.91 8.63
N PHE C 151 13.43 12.15 8.25
CA PHE C 151 14.70 12.83 8.62
C PHE C 151 14.69 13.23 10.11
N LYS C 152 13.55 13.70 10.65
CA LYS C 152 13.40 14.03 12.11
C LYS C 152 13.79 12.81 12.97
N LEU C 153 13.22 11.64 12.66
CA LEU C 153 13.51 10.33 13.32
C LEU C 153 15.03 10.09 13.38
N THR C 154 15.84 10.78 12.59
CA THR C 154 17.32 10.64 12.60
C THR C 154 17.89 11.26 13.88
N TYR C 155 17.15 12.16 14.54
CA TYR C 155 17.53 12.79 15.84
C TYR C 155 17.46 11.75 16.97
N LYS C 156 18.64 11.37 17.47
CA LYS C 156 18.75 10.42 18.60
C LYS C 156 19.76 11.06 19.56
N ASN C 157 19.65 10.80 20.87
CA ASN C 157 20.53 11.49 21.84
C ASN C 157 20.21 12.97 21.69
N GLY C 158 21.21 13.84 21.81
CA GLY C 158 20.98 15.28 21.53
C GLY C 158 21.69 15.55 20.24
N HIS C 159 21.82 14.52 19.41
CA HIS C 159 22.63 14.61 18.17
C HIS C 159 21.83 14.53 16.88
N TRP C 160 22.22 15.28 15.86
CA TRP C 160 21.66 15.14 14.48
C TRP C 160 22.50 14.14 13.71
N ASN C 161 21.95 12.96 13.42
CA ASN C 161 22.66 11.83 12.76
C ASN C 161 22.44 11.82 11.24
N TYR C 162 23.47 11.48 10.47
CA TYR C 162 23.40 11.17 9.01
C TYR C 162 22.32 10.09 8.77
N MET C 163 21.43 10.36 7.80
CA MET C 163 20.54 9.38 7.11
C MET C 163 21.37 8.54 6.14
N LEU C 164 21.45 7.24 6.43
CA LEU C 164 22.18 6.24 5.62
C LEU C 164 21.24 5.82 4.49
N ALA C 165 21.67 6.02 3.23
CA ALA C 165 20.84 5.73 2.04
C ALA C 165 21.59 4.78 1.11
N ASP C 166 20.83 3.97 0.37
CA ASP C 166 21.32 3.19 -0.79
C ASP C 166 21.01 3.96 -2.07
N LEU C 167 22.06 4.27 -2.85
CA LEU C 167 22.00 5.07 -4.10
C LEU C 167 22.35 4.14 -5.26
N THR C 168 21.38 3.82 -6.10
CA THR C 168 21.59 3.00 -7.32
C THR C 168 22.12 3.92 -8.42
N VAL C 169 23.40 3.76 -8.77
CA VAL C 169 24.17 4.66 -9.70
C VAL C 169 24.56 3.85 -10.94
N LYS C 170 24.40 4.44 -12.12
CA LYS C 170 24.78 3.78 -13.40
C LYS C 170 25.94 4.55 -14.02
N ASN C 171 27.05 3.84 -14.23
CA ASN C 171 28.21 4.33 -15.02
C ASN C 171 27.88 4.10 -16.50
N LYS C 172 27.77 5.16 -17.29
CA LYS C 172 27.31 5.07 -18.71
C LYS C 172 28.44 4.60 -19.65
N LEU C 173 29.71 4.83 -19.28
CA LEU C 173 30.92 4.36 -20.03
C LEU C 173 31.04 2.83 -19.95
N THR C 174 30.98 2.26 -18.74
CA THR C 174 31.17 0.81 -18.46
C THR C 174 29.85 0.05 -18.65
N GLN C 175 28.71 0.71 -18.41
CA GLN C 175 27.34 0.14 -18.51
C GLN C 175 27.07 -0.79 -17.33
N GLU C 176 27.69 -0.55 -16.17
CA GLU C 176 27.40 -1.32 -14.92
C GLU C 176 26.72 -0.40 -13.88
N THR C 177 25.63 -0.89 -13.27
CA THR C 177 24.83 -0.19 -12.24
C THR C 177 25.14 -0.83 -10.88
N LYS C 178 25.62 -0.04 -9.92
CA LYS C 178 26.04 -0.54 -8.58
C LYS C 178 25.39 0.31 -7.48
N ILE C 179 25.02 -0.35 -6.39
CA ILE C 179 24.33 0.25 -5.21
C ILE C 179 25.42 0.66 -4.22
N TYR C 180 25.48 1.96 -3.90
CA TYR C 180 26.44 2.62 -2.98
C TYR C 180 25.72 3.08 -1.71
N LYS C 181 26.32 2.78 -0.55
CA LYS C 181 25.87 3.29 0.77
C LYS C 181 26.38 4.72 0.89
N ILE C 182 25.48 5.66 1.17
CA ILE C 182 25.78 7.11 1.29
C ILE C 182 25.18 7.64 2.60
N SER C 183 25.53 8.89 2.94
CA SER C 183 25.17 9.63 4.17
C SER C 183 24.56 10.98 3.81
N LEU C 184 23.27 11.17 4.08
CA LEU C 184 22.53 12.42 3.76
C LEU C 184 22.42 13.26 5.05
N ASN C 185 22.83 14.53 5.01
CA ASN C 185 22.81 15.41 6.20
C ASN C 185 21.38 15.72 6.63
N SER C 186 21.04 15.38 7.87
CA SER C 186 19.68 15.59 8.37
C SER C 186 19.52 17.01 8.93
N LYS C 187 20.56 17.53 9.56
CA LYS C 187 20.50 18.89 10.15
C LYS C 187 20.21 19.90 9.04
N LEU C 188 20.98 19.83 7.95
CA LEU C 188 20.81 20.81 6.84
C LEU C 188 19.39 20.74 6.29
N ILE C 189 18.83 19.55 6.21
CA ILE C 189 17.46 19.42 5.60
C ILE C 189 16.47 20.17 6.53
N ILE C 190 16.63 20.01 7.85
CA ILE C 190 15.82 20.78 8.86
C ILE C 190 16.18 22.26 8.75
N GLU C 191 17.48 22.57 8.78
CA GLU C 191 17.95 23.98 8.64
C GLU C 191 17.24 24.58 7.42
N PHE C 192 17.34 23.90 6.27
CA PHE C 192 16.83 24.27 4.93
C PHE C 192 15.32 24.56 4.99
N LEU C 193 14.51 23.67 5.57
CA LEU C 193 13.04 23.84 5.67
C LEU C 193 12.70 25.07 6.53
N LYS C 194 13.30 25.19 7.71
CA LYS C 194 13.13 26.38 8.60
C LYS C 194 13.43 27.71 7.86
N GLU C 195 14.57 27.80 7.15
CA GLU C 195 14.97 29.02 6.41
C GLU C 195 13.98 29.33 5.27
N VAL C 196 13.41 28.30 4.63
CA VAL C 196 12.47 28.49 3.49
C VAL C 196 11.14 29.03 4.02
N LEU C 197 10.63 28.49 5.13
CA LEU C 197 9.39 29.03 5.77
C LEU C 197 9.64 30.47 6.20
N LYS C 198 10.80 30.73 6.81
CA LYS C 198 11.25 32.09 7.25
C LYS C 198 11.11 33.07 6.07
N GLU C 199 11.52 32.67 4.87
CA GLU C 199 11.52 33.59 3.71
C GLU C 199 10.12 33.68 3.09
N ASN C 200 9.22 32.71 3.38
CA ASN C 200 7.94 32.51 2.64
C ASN C 200 6.87 32.01 3.61
N SER C 201 6.43 32.90 4.51
CA SER C 201 5.53 32.63 5.66
C SER C 201 4.28 31.88 5.15
N ILE C 202 3.70 32.36 4.04
CA ILE C 202 2.45 31.85 3.40
C ILE C 202 2.52 30.33 3.14
N LEU C 203 3.72 29.75 2.99
CA LEU C 203 3.95 28.29 2.70
C LEU C 203 3.52 27.42 3.89
N LYS C 204 3.55 27.98 5.11
CA LYS C 204 3.06 27.27 6.32
C LYS C 204 1.64 26.76 6.04
N ASP C 205 0.83 27.55 5.30
CA ASP C 205 -0.58 27.22 4.98
C ASP C 205 -0.68 26.44 3.66
N ILE C 206 -0.34 27.09 2.54
CA ILE C 206 -0.56 26.51 1.18
C ILE C 206 0.20 25.20 0.96
N ALA C 207 1.25 24.90 1.71
CA ALA C 207 2.01 23.68 1.41
C ALA C 207 1.55 22.55 2.33
N GLY C 208 0.43 22.78 3.03
CA GLY C 208 -0.13 21.73 3.89
C GLY C 208 0.68 21.47 5.15
N ASP C 209 1.42 20.36 5.19
CA ASP C 209 2.12 19.93 6.43
C ASP C 209 3.63 19.98 6.28
N LEU C 210 4.16 20.44 5.14
CA LEU C 210 5.63 20.38 4.91
C LEU C 210 6.36 21.31 5.89
N PHE C 211 5.86 22.52 6.07
CA PHE C 211 6.54 23.52 6.92
C PHE C 211 5.78 23.71 8.24
N GLU C 212 5.18 22.63 8.76
CA GLU C 212 4.48 22.71 10.06
C GLU C 212 5.42 22.24 11.18
N ASP C 213 5.25 21.01 11.66
CA ASP C 213 6.08 20.53 12.80
C ASP C 213 7.48 20.20 12.27
N ILE C 214 8.24 21.23 11.89
CA ILE C 214 9.60 21.03 11.29
C ILE C 214 10.56 20.57 12.38
N LYS D 14 33.76 22.25 -7.78
CA LYS D 14 32.24 22.28 -7.89
C LYS D 14 31.61 21.78 -6.56
N PRO D 15 31.28 20.48 -6.37
CA PRO D 15 30.55 20.04 -5.17
C PRO D 15 31.14 20.63 -3.88
N ILE D 16 30.29 21.05 -2.93
CA ILE D 16 30.77 21.76 -1.70
C ILE D 16 30.78 20.84 -0.48
N SER D 17 31.88 20.84 0.27
CA SER D 17 31.94 20.07 1.53
C SER D 17 32.14 21.04 2.69
N ASP D 18 31.37 20.89 3.76
CA ASP D 18 31.44 21.82 4.91
C ASP D 18 30.17 21.64 5.74
N GLU D 19 29.14 21.00 5.18
CA GLU D 19 27.87 20.76 5.90
C GLU D 19 27.34 22.08 6.45
N LYS D 20 27.50 23.17 5.70
CA LYS D 20 27.01 24.52 6.11
C LYS D 20 25.92 24.93 5.10
N LEU D 21 24.85 25.61 5.54
CA LEU D 21 23.66 25.92 4.69
C LEU D 21 23.98 27.03 3.70
N HIS D 22 24.22 26.69 2.42
CA HIS D 22 24.39 27.63 1.28
C HIS D 22 23.20 27.50 0.31
N LEU D 23 22.25 28.43 0.38
CA LEU D 23 20.98 28.35 -0.39
C LEU D 23 21.13 29.22 -1.63
N ILE D 24 20.75 28.69 -2.79
CA ILE D 24 20.58 29.49 -4.04
C ILE D 24 19.11 29.37 -4.41
N SER D 25 18.60 30.35 -5.15
CA SER D 25 17.20 30.43 -5.61
C SER D 25 17.21 30.96 -7.04
N GLY D 26 16.09 30.81 -7.76
CA GLY D 26 15.94 31.30 -9.15
C GLY D 26 14.58 31.02 -9.75
N LYS D 27 14.41 31.45 -11.00
CA LYS D 27 13.15 31.38 -11.78
C LYS D 27 13.44 30.62 -13.07
N ILE D 28 12.73 29.51 -13.28
CA ILE D 28 12.55 28.86 -14.61
C ILE D 28 11.34 29.54 -15.28
N SER D 29 11.59 30.29 -16.34
CA SER D 29 10.60 31.12 -17.06
C SER D 29 10.22 30.48 -18.40
N ASN D 30 8.90 30.34 -18.63
CA ASN D 30 8.28 29.95 -19.92
C ASN D 30 8.75 28.54 -20.30
N LYS D 31 8.58 27.55 -19.41
CA LYS D 31 8.98 26.14 -19.70
C LYS D 31 7.92 25.17 -19.19
N LYS D 32 7.80 24.02 -19.86
CA LYS D 32 6.93 22.88 -19.43
C LYS D 32 7.42 22.43 -18.05
N LEU D 33 6.51 21.89 -17.24
CA LEU D 33 6.83 21.27 -15.92
C LEU D 33 7.51 19.94 -16.21
N PRO D 34 8.59 19.57 -15.50
CA PRO D 34 9.24 18.29 -15.77
C PRO D 34 8.42 17.16 -15.10
N ILE D 35 7.25 16.82 -15.67
CA ILE D 35 6.49 15.59 -15.29
C ILE D 35 6.46 14.64 -16.50
N ILE D 36 6.54 13.34 -16.26
CA ILE D 36 6.29 12.26 -17.26
C ILE D 36 4.78 12.04 -17.27
N ASN D 37 4.07 12.33 -18.37
CA ASN D 37 2.60 12.04 -18.41
C ASN D 37 2.34 10.87 -19.35
N SER D 38 2.42 9.65 -18.84
CA SER D 38 2.13 8.41 -19.60
C SER D 38 0.75 7.86 -19.22
N ASN D 39 0.34 6.83 -19.91
CA ASN D 39 -0.98 6.18 -19.71
C ASN D 39 -1.13 5.70 -18.27
N HIS D 40 -2.33 5.83 -17.71
CA HIS D 40 -2.74 5.24 -16.41
C HIS D 40 -4.20 4.78 -16.46
N ASP D 41 -4.59 3.89 -15.55
CA ASP D 41 -6.03 3.66 -15.23
C ASP D 41 -6.36 4.55 -14.02
N VAL D 42 -7.60 5.01 -13.93
CA VAL D 42 -8.03 5.99 -12.91
C VAL D 42 -9.45 5.66 -12.46
N THR D 43 -9.65 5.50 -11.16
CA THR D 43 -10.99 5.32 -10.54
C THR D 43 -11.47 6.73 -10.15
N TRP D 44 -12.78 6.91 -10.19
CA TRP D 44 -13.44 8.16 -9.74
C TRP D 44 -14.77 7.77 -9.10
N ILE D 45 -15.23 8.63 -8.20
CA ILE D 45 -16.61 8.61 -7.66
C ILE D 45 -17.09 10.04 -7.61
N LYS D 46 -18.34 10.31 -8.00
CA LYS D 46 -18.95 11.66 -7.93
C LYS D 46 -20.46 11.55 -7.68
N THR D 47 -21.06 12.69 -7.38
CA THR D 47 -22.53 12.85 -7.44
C THR D 47 -22.92 12.92 -8.91
N LYS D 48 -24.10 12.41 -9.25
CA LYS D 48 -24.77 12.74 -10.52
C LYS D 48 -24.88 14.26 -10.63
N ALA D 49 -24.75 14.80 -11.84
CA ALA D 49 -24.80 16.25 -12.07
C ALA D 49 -26.15 16.76 -11.60
N MET D 50 -26.16 17.93 -10.97
CA MET D 50 -27.31 18.50 -10.26
C MET D 50 -27.62 19.85 -10.87
N THR D 51 -28.88 20.27 -10.70
CA THR D 51 -29.48 21.48 -11.28
C THR D 51 -28.79 22.73 -10.67
N ILE D 52 -28.42 23.67 -11.54
CA ILE D 52 -27.74 24.92 -11.12
C ILE D 52 -28.78 25.80 -10.45
N LEU D 53 -28.52 26.17 -9.20
CA LEU D 53 -29.39 27.06 -8.43
C LEU D 53 -28.79 28.47 -8.38
N GLY D 54 -29.69 29.44 -8.41
CA GLY D 54 -29.39 30.87 -8.27
C GLY D 54 -29.27 31.26 -6.81
N GLU D 55 -29.08 32.56 -6.58
CA GLU D 55 -28.89 33.19 -5.25
C GLU D 55 -30.09 32.85 -4.33
N ASP D 56 -31.28 32.59 -4.88
CA ASP D 56 -32.52 32.34 -4.11
C ASP D 56 -32.75 30.84 -3.88
N GLY D 57 -31.78 29.98 -4.22
CA GLY D 57 -31.95 28.53 -4.09
C GLY D 57 -32.79 27.89 -5.21
N LYS D 58 -33.28 28.65 -6.18
CA LYS D 58 -34.17 28.10 -7.26
C LYS D 58 -33.37 27.97 -8.56
N GLU D 59 -33.77 27.03 -9.41
CA GLU D 59 -33.09 26.70 -10.68
C GLU D 59 -33.02 27.98 -11.50
N ILE D 60 -31.91 28.20 -12.20
CA ILE D 60 -31.74 29.28 -13.22
C ILE D 60 -32.31 28.71 -14.52
N PRO D 61 -33.49 29.21 -14.99
CA PRO D 61 -34.18 28.66 -16.16
C PRO D 61 -33.22 28.58 -17.35
N GLU D 62 -32.36 29.59 -17.55
CA GLU D 62 -31.49 29.60 -18.76
C GLU D 62 -30.62 28.33 -18.74
N PHE D 63 -30.29 27.80 -17.58
CA PHE D 63 -29.33 26.66 -17.46
C PHE D 63 -30.08 25.32 -17.37
N LYS D 64 -31.41 25.32 -17.15
CA LYS D 64 -32.19 24.06 -17.01
C LYS D 64 -31.84 23.12 -18.16
N ASN D 65 -31.32 21.93 -17.86
CA ASN D 65 -30.97 20.88 -18.83
C ASN D 65 -29.90 21.37 -19.81
N LYS D 66 -29.11 22.38 -19.44
CA LYS D 66 -27.97 22.85 -20.26
C LYS D 66 -26.66 22.40 -19.63
N PHE D 67 -26.51 22.59 -18.32
CA PHE D 67 -25.36 21.99 -17.61
C PHE D 67 -25.74 21.83 -16.15
N GLY D 68 -24.96 21.02 -15.44
CA GLY D 68 -25.20 20.80 -14.02
C GLY D 68 -23.88 20.81 -13.29
N TYR D 69 -23.94 20.67 -11.97
CA TYR D 69 -22.74 20.71 -11.10
C TYR D 69 -22.69 19.42 -10.33
N SER D 70 -21.46 18.98 -10.06
CA SER D 70 -21.21 17.74 -9.32
C SER D 70 -19.97 17.90 -8.44
N TYR D 71 -19.87 17.02 -7.46
CA TYR D 71 -18.73 16.86 -6.52
C TYR D 71 -18.09 15.54 -6.90
N ILE D 72 -16.74 15.47 -6.98
CA ILE D 72 -15.96 14.28 -7.46
C ILE D 72 -14.71 14.06 -6.58
N ILE D 73 -14.39 12.78 -6.31
CA ILE D 73 -13.06 12.36 -5.80
C ILE D 73 -12.37 11.60 -6.93
N SER D 74 -11.18 12.09 -7.27
CA SER D 74 -10.28 11.51 -8.28
C SER D 74 -8.82 11.92 -7.99
N PRO D 75 -7.83 11.06 -8.28
CA PRO D 75 -8.06 9.66 -8.62
C PRO D 75 -8.23 8.86 -7.32
N VAL D 76 -9.27 8.03 -7.21
CA VAL D 76 -9.50 7.20 -5.99
C VAL D 76 -8.43 6.10 -5.98
N LYS D 77 -8.24 5.47 -7.14
CA LYS D 77 -7.17 4.46 -7.41
C LYS D 77 -6.43 4.89 -8.66
N MET D 78 -5.11 4.67 -8.68
CA MET D 78 -4.25 4.92 -9.88
C MET D 78 -3.54 3.60 -10.21
N ASP D 79 -3.71 3.13 -11.43
CA ASP D 79 -3.17 1.81 -11.88
C ASP D 79 -3.45 0.79 -10.77
N GLY D 80 -4.71 0.64 -10.34
CA GLY D 80 -5.17 -0.46 -9.44
C GLY D 80 -4.92 -0.19 -7.97
N LYS D 81 -4.08 0.78 -7.59
CA LYS D 81 -3.68 1.02 -6.17
C LYS D 81 -4.38 2.28 -5.65
N TYR D 82 -4.90 2.28 -4.42
CA TYR D 82 -5.51 3.48 -3.80
C TYR D 82 -4.45 4.60 -3.83
N SER D 83 -4.82 5.83 -4.18
CA SER D 83 -3.86 6.88 -4.63
C SER D 83 -3.88 8.06 -3.68
N TYR D 84 -2.67 8.47 -3.22
CA TYR D 84 -2.41 9.61 -2.32
C TYR D 84 -2.75 10.93 -3.03
N TYR D 85 -2.90 10.96 -4.34
CA TYR D 85 -3.39 12.15 -5.10
C TYR D 85 -4.93 12.32 -4.96
N ALA D 86 -5.66 11.40 -4.29
CA ALA D 86 -7.14 11.48 -4.19
C ALA D 86 -7.51 12.91 -3.77
N SER D 87 -8.29 13.63 -4.58
CA SER D 87 -8.61 15.07 -4.37
C SER D 87 -10.09 15.34 -4.61
N LEU D 88 -10.62 16.36 -3.93
CA LEU D 88 -12.01 16.81 -4.00
C LEU D 88 -12.10 17.97 -5.00
N LEU D 89 -12.87 17.82 -6.07
CA LEU D 89 -13.10 18.86 -7.11
C LEU D 89 -14.60 19.13 -7.25
N ILE D 90 -14.93 20.31 -7.73
CA ILE D 90 -16.28 20.69 -8.22
C ILE D 90 -16.16 20.66 -9.75
N LEU D 91 -17.00 19.83 -10.39
CA LEU D 91 -17.17 19.76 -11.86
C LEU D 91 -18.42 20.58 -12.23
N PHE D 92 -18.34 21.30 -13.36
CA PHE D 92 -19.53 21.77 -14.12
C PHE D 92 -19.58 20.99 -15.43
N GLU D 93 -20.69 20.27 -15.64
CA GLU D 93 -20.82 19.26 -16.73
C GLU D 93 -21.96 19.69 -17.64
N THR D 94 -21.73 19.75 -18.95
CA THR D 94 -22.73 20.21 -19.92
C THR D 94 -23.54 19.00 -20.39
N THR D 95 -24.79 19.22 -20.73
CA THR D 95 -25.61 18.20 -21.43
C THR D 95 -25.25 18.20 -22.91
N LYS D 96 -25.64 17.13 -23.61
CA LYS D 96 -25.64 17.09 -25.10
C LYS D 96 -26.29 18.38 -25.62
N ASN D 97 -27.48 18.73 -25.16
CA ASN D 97 -28.23 19.93 -25.61
C ASN D 97 -27.53 21.25 -25.27
N GLY D 98 -26.61 21.29 -24.30
CA GLY D 98 -26.08 22.55 -23.75
C GLY D 98 -24.63 22.81 -24.15
N ASP D 99 -23.91 21.78 -24.59
CA ASP D 99 -22.43 21.82 -24.73
C ASP D 99 -22.00 22.80 -25.82
N ASP D 100 -22.76 22.94 -26.93
CA ASP D 100 -22.41 23.84 -28.06
C ASP D 100 -22.41 25.29 -27.58
N GLU D 101 -23.35 25.63 -26.69
CA GLU D 101 -23.61 27.03 -26.27
C GLU D 101 -22.76 27.44 -25.06
N TYR D 102 -22.61 26.57 -24.05
CA TYR D 102 -22.06 26.96 -22.73
C TYR D 102 -20.70 26.32 -22.44
N GLU D 103 -19.82 27.16 -21.91
CA GLU D 103 -18.46 26.79 -21.43
C GLU D 103 -18.24 27.52 -20.11
N ILE D 104 -17.92 26.80 -19.04
CA ILE D 104 -17.72 27.32 -17.66
C ILE D 104 -16.24 27.69 -17.48
N GLU D 105 -15.92 28.96 -17.18
CA GLU D 105 -14.51 29.48 -17.21
C GLU D 105 -13.93 29.45 -15.79
N ASP D 106 -14.77 29.67 -14.79
CA ASP D 106 -14.30 29.89 -13.41
C ASP D 106 -15.45 29.75 -12.42
N VAL D 107 -15.12 29.47 -11.18
CA VAL D 107 -16.06 29.60 -10.04
C VAL D 107 -15.28 30.12 -8.82
N LYS D 108 -15.92 30.99 -8.06
CA LYS D 108 -15.30 31.66 -6.90
C LYS D 108 -16.33 31.70 -5.77
N PHE D 109 -15.97 31.20 -4.60
CA PHE D 109 -16.86 31.17 -3.42
C PHE D 109 -17.10 32.61 -2.96
N VAL D 110 -18.29 32.88 -2.42
CA VAL D 110 -18.60 34.20 -1.80
C VAL D 110 -18.85 34.00 -0.29
N THR D 111 -19.75 33.09 0.12
CA THR D 111 -20.10 32.90 1.55
C THR D 111 -18.85 32.60 2.40
N ALA D 112 -17.94 31.79 1.89
CA ALA D 112 -16.72 31.42 2.63
C ALA D 112 -15.65 30.89 1.68
N GLY D 113 -14.39 31.14 2.03
CA GLY D 113 -13.21 30.77 1.22
C GLY D 113 -13.18 31.53 -0.08
N SER D 114 -13.69 32.78 -0.05
CA SER D 114 -13.68 33.74 -1.18
C SER D 114 -12.24 33.98 -1.69
N THR D 115 -11.21 33.75 -0.88
CA THR D 115 -9.81 34.05 -1.29
C THR D 115 -9.14 32.83 -1.94
N LEU D 116 -9.83 31.68 -2.02
CA LEU D 116 -9.31 30.46 -2.69
C LEU D 116 -9.38 30.62 -4.21
N GLU D 117 -8.26 30.35 -4.89
CA GLU D 117 -8.19 30.28 -6.36
C GLU D 117 -8.59 28.86 -6.78
N LEU D 118 -9.78 28.71 -7.40
CA LEU D 118 -10.32 27.37 -7.79
C LEU D 118 -10.02 27.03 -9.27
N LYS D 119 -9.69 28.02 -10.10
CA LYS D 119 -9.20 27.78 -11.49
C LYS D 119 -7.75 27.27 -11.37
N ASN D 120 -7.56 25.99 -11.63
CA ASN D 120 -6.31 25.22 -11.41
C ASN D 120 -5.52 25.15 -12.71
N SER D 121 -4.36 25.80 -12.77
CA SER D 121 -3.60 25.95 -14.04
C SER D 121 -3.20 24.57 -14.57
N LEU D 122 -3.14 23.55 -13.70
CA LEU D 122 -2.68 22.19 -14.10
C LEU D 122 -3.81 21.29 -14.61
N LEU D 123 -5.09 21.57 -14.33
CA LEU D 123 -6.22 20.61 -14.58
C LEU D 123 -6.82 20.84 -15.98
N ALA D 124 -6.71 19.85 -16.86
CA ALA D 124 -7.23 19.93 -18.24
C ALA D 124 -8.75 19.79 -18.20
N VAL D 125 -9.43 20.47 -19.12
CA VAL D 125 -10.89 20.27 -19.36
C VAL D 125 -11.06 18.80 -19.78
N GLU D 126 -12.04 18.10 -19.21
CA GLU D 126 -12.11 16.63 -19.32
C GLU D 126 -13.45 16.30 -19.99
N ASN D 127 -13.56 15.16 -20.68
CA ASN D 127 -14.88 14.60 -21.14
C ASN D 127 -15.65 14.19 -19.88
N SER D 128 -16.97 14.38 -19.84
CA SER D 128 -17.80 13.92 -18.71
C SER D 128 -17.92 12.39 -18.74
N GLN D 129 -17.84 11.72 -17.59
CA GLN D 129 -17.98 10.25 -17.45
C GLN D 129 -19.44 9.86 -17.13
N GLU D 130 -20.35 10.84 -16.98
CA GLU D 130 -21.82 10.62 -16.83
C GLU D 130 -22.49 10.66 -18.22
N GLU D 131 -23.36 9.70 -18.48
CA GLU D 131 -24.09 9.51 -19.76
C GLU D 131 -25.06 10.69 -19.94
N GLY D 132 -25.14 11.26 -21.14
CA GLY D 132 -25.97 12.44 -21.41
C GLY D 132 -25.18 13.73 -21.33
N TYR D 133 -23.95 13.70 -20.84
CA TYR D 133 -23.12 14.90 -20.57
C TYR D 133 -21.86 14.82 -21.42
N VAL D 134 -21.40 15.94 -21.94
CA VAL D 134 -20.29 15.99 -22.92
C VAL D 134 -19.00 16.47 -22.25
N THR D 135 -19.01 17.64 -21.62
CA THR D 135 -17.75 18.29 -21.14
C THR D 135 -17.86 18.47 -19.62
N ALA D 136 -16.82 18.13 -18.88
CA ALA D 136 -16.64 18.42 -17.45
C ALA D 136 -15.55 19.47 -17.28
N TYR D 137 -15.92 20.64 -16.75
CA TYR D 137 -14.98 21.72 -16.37
C TYR D 137 -14.65 21.55 -14.90
N PRO D 138 -13.44 21.09 -14.52
CA PRO D 138 -13.09 20.87 -13.12
C PRO D 138 -12.55 22.13 -12.43
N PHE D 139 -12.78 22.22 -11.13
CA PHE D 139 -12.34 23.35 -10.27
C PHE D 139 -12.01 22.80 -8.89
N GLY D 140 -10.95 23.37 -8.28
CA GLY D 140 -10.53 23.08 -6.90
C GLY D 140 -9.03 22.87 -6.80
N ILE D 141 -8.61 22.37 -5.64
CA ILE D 141 -7.18 22.34 -5.24
C ILE D 141 -6.83 20.90 -4.93
N LEU D 142 -5.72 20.42 -5.52
CA LEU D 142 -5.25 19.02 -5.45
C LEU D 142 -4.66 18.78 -4.07
N MET D 143 -5.14 17.72 -3.40
CA MET D 143 -4.55 17.15 -2.16
C MET D 143 -4.69 18.20 -1.07
N SER D 144 -5.91 18.75 -0.93
CA SER D 144 -6.25 19.88 -0.03
C SER D 144 -7.62 19.73 0.63
N ASP D 145 -7.74 20.23 1.86
CA ASP D 145 -9.02 20.21 2.63
C ASP D 145 -9.73 21.56 2.47
N GLU D 146 -9.18 22.47 1.65
CA GLU D 146 -9.62 23.88 1.65
C GLU D 146 -11.11 24.02 1.26
N ILE D 147 -11.55 23.38 0.18
CA ILE D 147 -12.97 23.44 -0.27
C ILE D 147 -13.87 22.83 0.81
N LYS D 148 -13.52 21.66 1.36
CA LYS D 148 -14.27 21.08 2.50
C LYS D 148 -14.37 22.14 3.59
N ASN D 149 -13.22 22.74 3.95
CA ASN D 149 -13.13 23.66 5.11
C ASN D 149 -14.04 24.84 4.86
N ALA D 150 -14.11 25.31 3.59
CA ALA D 150 -14.92 26.48 3.21
C ALA D 150 -16.43 26.15 3.31
N PHE D 151 -16.84 24.96 2.90
CA PHE D 151 -18.28 24.56 2.99
C PHE D 151 -18.68 24.36 4.45
N LYS D 152 -17.80 23.77 5.28
CA LYS D 152 -18.05 23.64 6.75
C LYS D 152 -18.51 24.97 7.35
N LEU D 153 -17.91 26.09 6.93
CA LEU D 153 -18.21 27.43 7.48
C LEU D 153 -19.61 27.88 7.05
N THR D 154 -20.29 27.18 6.15
CA THR D 154 -21.69 27.55 5.81
C THR D 154 -22.63 27.06 6.91
N TYR D 155 -22.25 26.08 7.74
CA TYR D 155 -23.05 25.62 8.91
C TYR D 155 -23.00 26.65 10.03
N LYS D 156 -24.16 27.19 10.43
CA LYS D 156 -24.31 28.17 11.53
C LYS D 156 -25.60 27.84 12.29
N ASN D 157 -25.63 28.05 13.62
CA ASN D 157 -26.84 27.99 14.50
C ASN D 157 -27.63 26.70 14.24
N GLY D 158 -26.93 25.59 14.01
CA GLY D 158 -27.52 24.24 13.92
C GLY D 158 -28.09 23.94 12.54
N HIS D 159 -27.77 24.75 11.51
CA HIS D 159 -28.36 24.62 10.14
C HIS D 159 -27.31 24.77 9.04
N TRP D 160 -27.47 24.01 7.96
CA TRP D 160 -26.68 24.17 6.71
C TRP D 160 -27.22 25.39 5.98
N ASN D 161 -26.32 26.16 5.38
CA ASN D 161 -26.67 27.23 4.43
C ASN D 161 -26.00 26.89 3.09
N TYR D 162 -26.56 27.39 2.00
CA TYR D 162 -25.96 27.36 0.65
C TYR D 162 -24.62 28.10 0.67
N MET D 163 -23.62 27.57 -0.05
CA MET D 163 -22.44 28.29 -0.54
C MET D 163 -22.89 29.19 -1.70
N LEU D 164 -23.13 30.47 -1.47
CA LEU D 164 -23.25 31.45 -2.57
C LEU D 164 -21.91 31.46 -3.29
N ALA D 165 -21.92 31.54 -4.62
CA ALA D 165 -20.70 31.56 -5.44
C ALA D 165 -20.99 32.34 -6.74
N ASP D 166 -19.91 32.84 -7.33
CA ASP D 166 -19.90 33.53 -8.64
C ASP D 166 -19.37 32.58 -9.69
N LEU D 167 -20.20 32.27 -10.68
CA LEU D 167 -19.90 31.31 -11.77
C LEU D 167 -19.63 32.13 -13.04
N THR D 168 -18.45 32.00 -13.64
CA THR D 168 -18.08 32.67 -14.91
C THR D 168 -18.39 31.70 -16.06
N VAL D 169 -19.33 32.07 -16.91
CA VAL D 169 -19.85 31.18 -17.99
C VAL D 169 -19.72 31.94 -19.30
N LYS D 170 -19.03 31.35 -20.27
CA LYS D 170 -18.94 31.89 -21.63
C LYS D 170 -20.06 31.26 -22.43
N ASN D 171 -20.79 32.10 -23.17
CA ASN D 171 -21.79 31.69 -24.18
C ASN D 171 -21.01 31.65 -25.50
N LYS D 172 -20.77 30.45 -26.05
CA LYS D 172 -19.90 30.24 -27.23
C LYS D 172 -20.59 30.69 -28.51
N LEU D 173 -21.92 30.90 -28.49
CA LEU D 173 -22.72 31.32 -29.68
C LEU D 173 -22.65 32.84 -29.81
N THR D 174 -22.85 33.56 -28.71
CA THR D 174 -22.87 35.03 -28.62
C THR D 174 -21.46 35.56 -28.42
N GLN D 175 -20.51 34.71 -27.99
CA GLN D 175 -19.11 35.03 -27.60
C GLN D 175 -19.08 36.11 -26.50
N GLU D 176 -19.93 36.00 -25.47
CA GLU D 176 -19.95 36.91 -24.29
C GLU D 176 -19.70 36.09 -23.02
N THR D 177 -18.87 36.58 -22.13
CA THR D 177 -18.62 35.95 -20.81
C THR D 177 -19.40 36.77 -19.80
N LYS D 178 -20.06 36.08 -18.85
CA LYS D 178 -20.97 36.68 -17.82
C LYS D 178 -20.78 35.92 -16.51
N ILE D 179 -21.05 36.61 -15.41
CA ILE D 179 -20.85 36.11 -14.03
C ILE D 179 -22.23 35.97 -13.40
N TYR D 180 -22.59 34.75 -13.01
CA TYR D 180 -23.90 34.38 -12.43
C TYR D 180 -23.75 34.04 -10.94
N LYS D 181 -24.70 34.55 -10.15
CA LYS D 181 -24.86 34.17 -8.73
C LYS D 181 -25.51 32.77 -8.70
N ILE D 182 -24.78 31.81 -8.15
CA ILE D 182 -25.30 30.43 -7.91
C ILE D 182 -25.23 30.10 -6.42
N SER D 183 -25.96 29.04 -6.07
CA SER D 183 -25.99 28.35 -4.76
C SER D 183 -25.46 26.93 -4.95
N LEU D 184 -24.46 26.54 -4.17
CA LEU D 184 -23.92 25.17 -4.12
C LEU D 184 -24.38 24.54 -2.79
N ASN D 185 -24.89 23.31 -2.85
CA ASN D 185 -25.37 22.54 -1.68
C ASN D 185 -24.18 22.15 -0.79
N SER D 186 -24.12 22.69 0.41
CA SER D 186 -23.05 22.48 1.42
C SER D 186 -23.22 21.14 2.12
N LYS D 187 -24.45 20.80 2.46
CA LYS D 187 -24.82 19.56 3.17
C LYS D 187 -24.30 18.38 2.35
N LEU D 188 -24.57 18.40 1.03
CA LEU D 188 -24.27 17.28 0.10
C LEU D 188 -22.75 17.05 -0.01
N ILE D 189 -21.90 18.08 0.11
CA ILE D 189 -20.43 17.86 0.03
C ILE D 189 -19.99 17.10 1.29
N ILE D 190 -20.67 17.30 2.40
CA ILE D 190 -20.43 16.51 3.65
C ILE D 190 -21.05 15.10 3.53
N GLU D 191 -22.33 14.98 3.20
CA GLU D 191 -22.93 13.65 2.90
C GLU D 191 -22.07 12.88 1.89
N PHE D 192 -21.48 13.58 0.92
CA PHE D 192 -20.67 12.96 -0.15
C PHE D 192 -19.34 12.48 0.45
N LEU D 193 -18.63 13.25 1.27
CA LEU D 193 -17.32 12.73 1.79
C LEU D 193 -17.60 11.54 2.72
N LYS D 194 -18.69 11.59 3.49
CA LYS D 194 -19.10 10.49 4.41
C LYS D 194 -19.32 9.19 3.62
N GLU D 195 -20.05 9.23 2.51
CA GLU D 195 -20.41 8.00 1.78
C GLU D 195 -19.17 7.50 1.05
N VAL D 196 -18.34 8.38 0.52
CA VAL D 196 -17.06 7.94 -0.10
C VAL D 196 -16.24 7.22 0.98
N LEU D 197 -16.14 7.79 2.17
CA LEU D 197 -15.27 7.26 3.25
C LEU D 197 -15.84 5.94 3.78
N LYS D 198 -17.11 5.91 4.14
CA LYS D 198 -17.81 4.68 4.60
C LYS D 198 -17.49 3.50 3.64
N GLU D 199 -17.37 3.76 2.33
CA GLU D 199 -17.12 2.77 1.25
C GLU D 199 -15.63 2.62 0.96
N ASN D 200 -14.75 3.55 1.39
CA ASN D 200 -13.29 3.51 1.07
C ASN D 200 -12.47 4.01 2.27
N SER D 201 -12.59 3.27 3.39
CA SER D 201 -11.93 3.54 4.69
C SER D 201 -10.49 4.03 4.47
N ILE D 202 -9.73 3.36 3.63
CA ILE D 202 -8.28 3.65 3.44
C ILE D 202 -8.08 5.13 3.06
N LEU D 203 -9.12 5.85 2.61
CA LEU D 203 -8.94 7.27 2.17
C LEU D 203 -8.58 8.14 3.37
N LYS D 204 -9.09 7.81 4.56
CA LYS D 204 -8.71 8.50 5.82
C LYS D 204 -7.18 8.50 5.92
N ASP D 205 -6.52 7.43 5.49
CA ASP D 205 -5.08 7.20 5.79
C ASP D 205 -4.19 7.98 4.84
N ILE D 206 -4.55 8.04 3.55
CA ILE D 206 -3.61 8.47 2.49
C ILE D 206 -4.08 9.76 1.80
N ALA D 207 -5.31 10.22 2.00
CA ALA D 207 -5.84 11.45 1.36
C ALA D 207 -5.63 12.66 2.30
N GLY D 208 -4.46 12.73 2.94
CA GLY D 208 -4.10 13.78 3.91
C GLY D 208 -5.23 14.06 4.87
N ASP D 209 -5.66 15.32 4.99
CA ASP D 209 -6.56 15.81 6.07
C ASP D 209 -7.98 15.94 5.53
N LEU D 210 -8.21 15.51 4.30
CA LEU D 210 -9.52 15.69 3.62
C LEU D 210 -10.56 15.01 4.49
N PHE D 211 -10.22 13.85 5.06
CA PHE D 211 -11.18 12.98 5.79
C PHE D 211 -10.93 12.99 7.29
N GLU D 212 -9.97 13.78 7.79
CA GLU D 212 -9.60 13.83 9.24
C GLU D 212 -10.88 13.83 10.08
N ASP D 213 -11.84 14.70 9.77
CA ASP D 213 -13.09 14.84 10.55
C ASP D 213 -14.28 14.17 9.83
N ILE D 214 -13.97 13.30 8.84
CA ILE D 214 -14.84 12.62 7.82
C ILE D 214 -15.74 13.64 7.10
S SO4 E . -31.97 -15.50 13.69
O1 SO4 E . -33.23 -15.85 14.36
O2 SO4 E . -31.75 -14.07 13.71
O3 SO4 E . -30.89 -16.15 14.39
O4 SO4 E . -32.04 -15.93 12.32
S SO4 F . 5.01 -21.07 5.79
O1 SO4 F . 4.56 -22.44 5.80
O2 SO4 F . 5.12 -20.61 7.17
O3 SO4 F . 6.30 -20.99 5.14
O4 SO4 F . 4.03 -20.26 5.11
S SO4 G . -30.30 21.60 8.17
O1 SO4 G . -30.38 20.51 7.21
O2 SO4 G . -31.63 22.01 8.53
O3 SO4 G . -29.57 21.17 9.35
O4 SO4 G . -29.60 22.70 7.54
#